data_2G6T
#
_entry.id   2G6T
#
_cell.length_a   123.970
_cell.length_b   123.970
_cell.length_c   254.570
_cell.angle_alpha   90.00
_cell.angle_beta   90.00
_cell.angle_gamma   120.00
#
_symmetry.space_group_name_H-M   'P 61 2 2'
#
loop_
_entity.id
_entity.type
_entity.pdbx_description
1 polymer 'Uncharacterized protein, homolog HI1244 from Haemophilus influenzae'
2 water water
#
_entity_poly.entity_id   1
_entity_poly.type   'polypeptide(L)'
_entity_poly.pdbx_seq_one_letter_code
;(MSE)YKCLIWGVNDEYTLAYDKLLFEISKGNLSIEALISKDKYAKYIDGKEVIDKTEISNYEFDYIIIFNKERYSDIKN
EALELGIPERKILNGKFFFISNFDFKRYCKLIENPITIISDDCWGGLVSSYLGFKFNSPFINFYIHNDDYIKFLEN
(MSE)DYYLEQELKVEQEGNVYSCT(MSE)PKGSLGTGDNKIILNFNHQASFAEAKNDWDERKTRINKKNLFVK(MSE)L
IKDDNEKLVKRFDNLPYKNKVCFHPKP(MSE)KYKSVAFFPRYIWRCINYAARTSNSNLEQYT(MSE)D(MSE)SWLEKS
CDILK(MSE)LCGEEDFIREK(UNK)
;
_entity_poly.pdbx_strand_id   A,B
#
# COMPACT_ATOMS: atom_id res chain seq x y z
N MSE A 1 -22.59 18.62 25.40
CA MSE A 1 -22.98 19.54 24.28
C MSE A 1 -22.12 20.79 24.29
O MSE A 1 -21.91 21.39 25.34
CB MSE A 1 -24.42 19.95 24.40
CG MSE A 1 -24.94 20.54 23.11
SE MSE A 1 -25.88 22.19 23.39
CE MSE A 1 -24.83 23.31 22.20
N TYR A 2 -21.66 21.21 23.11
CA TYR A 2 -20.75 22.34 23.02
C TYR A 2 -21.14 23.53 22.18
N LYS A 3 -20.41 24.63 22.42
CA LYS A 3 -20.58 25.88 21.70
C LYS A 3 -19.33 25.97 20.83
N CYS A 4 -19.50 26.33 19.56
CA CYS A 4 -18.35 26.41 18.69
C CYS A 4 -18.35 27.59 17.78
N LEU A 5 -17.15 27.90 17.31
CA LEU A 5 -16.91 28.98 16.37
C LEU A 5 -16.37 28.26 15.15
N ILE A 6 -16.63 28.77 13.97
CA ILE A 6 -16.12 28.14 12.78
C ILE A 6 -15.20 29.10 12.08
N TRP A 7 -13.98 28.67 11.83
CA TRP A 7 -13.03 29.52 11.13
C TRP A 7 -13.00 28.92 9.72
N GLY A 8 -13.41 29.71 8.73
CA GLY A 8 -13.43 29.23 7.36
C GLY A 8 -14.85 28.95 6.86
N VAL A 9 -15.29 29.72 5.87
CA VAL A 9 -16.63 29.55 5.33
C VAL A 9 -16.68 29.38 3.79
N ASN A 10 -15.89 28.44 3.27
CA ASN A 10 -15.88 28.16 1.84
C ASN A 10 -16.21 26.72 1.50
N ASP A 11 -15.58 26.21 0.46
CA ASP A 11 -15.83 24.84 0.01
C ASP A 11 -16.04 23.83 1.13
N GLU A 12 -15.00 23.57 1.91
CA GLU A 12 -15.05 22.64 3.03
C GLU A 12 -16.24 22.95 3.93
N TYR A 13 -16.43 24.23 4.24
CA TYR A 13 -17.55 24.63 5.08
C TYR A 13 -18.90 24.20 4.51
N THR A 14 -19.26 24.67 3.32
CA THR A 14 -20.54 24.27 2.77
C THR A 14 -20.56 22.78 2.45
N LEU A 15 -19.39 22.18 2.26
CA LEU A 15 -19.32 20.77 1.98
C LEU A 15 -19.59 19.97 3.26
N ALA A 16 -19.26 20.56 4.41
CA ALA A 16 -19.48 19.89 5.68
C ALA A 16 -20.76 20.37 6.33
N TYR A 17 -21.50 21.23 5.64
CA TYR A 17 -22.71 21.79 6.20
C TYR A 17 -23.75 20.79 6.69
N ASP A 18 -24.21 19.91 5.82
CA ASP A 18 -25.21 18.92 6.21
C ASP A 18 -24.80 18.16 7.45
N LYS A 19 -23.52 17.80 7.57
CA LYS A 19 -23.05 17.08 8.76
C LYS A 19 -23.19 17.95 9.99
N LEU A 20 -22.90 19.23 9.80
CA LEU A 20 -23.02 20.21 10.88
C LEU A 20 -24.48 20.27 11.35
N LEU A 21 -25.41 20.38 10.41
CA LEU A 21 -26.83 20.43 10.75
C LEU A 21 -27.19 19.19 11.55
N PHE A 22 -26.75 18.04 11.05
CA PHE A 22 -27.03 16.77 11.69
C PHE A 22 -26.46 16.77 13.10
N GLU A 23 -25.20 17.18 13.24
CA GLU A 23 -24.60 17.22 14.56
C GLU A 23 -25.39 18.15 15.49
N ILE A 24 -25.89 19.25 14.94
CA ILE A 24 -26.66 20.18 15.76
C ILE A 24 -27.99 19.56 16.14
N SER A 25 -28.61 18.89 15.18
CA SER A 25 -29.90 18.25 15.39
C SER A 25 -29.77 17.22 16.51
N LYS A 26 -28.60 16.59 16.61
CA LYS A 26 -28.37 15.61 17.65
C LYS A 26 -28.14 16.34 18.97
N GLY A 27 -27.90 17.64 18.88
CA GLY A 27 -27.65 18.42 20.07
C GLY A 27 -26.21 18.29 20.56
N ASN A 28 -25.30 18.07 19.64
CA ASN A 28 -23.90 17.94 20.02
C ASN A 28 -23.17 19.26 20.00
N LEU A 29 -23.68 20.23 19.25
CA LEU A 29 -23.02 21.51 19.18
C LEU A 29 -23.91 22.59 18.58
N SER A 30 -23.45 23.83 18.70
CA SER A 30 -24.17 24.98 18.15
C SER A 30 -23.14 25.95 17.65
N ILE A 31 -23.41 26.57 16.52
CA ILE A 31 -22.48 27.53 15.94
C ILE A 31 -22.75 28.92 16.50
N GLU A 32 -21.77 29.51 17.16
CA GLU A 32 -21.92 30.85 17.72
C GLU A 32 -21.70 31.92 16.66
N ALA A 33 -20.54 31.85 16.00
CA ALA A 33 -20.21 32.82 14.96
C ALA A 33 -19.24 32.20 13.97
N LEU A 34 -19.00 32.93 12.88
CA LEU A 34 -18.10 32.47 11.84
C LEU A 34 -16.93 33.43 11.65
N ILE A 35 -15.71 32.92 11.76
CA ILE A 35 -14.50 33.71 11.59
C ILE A 35 -14.05 33.63 10.13
N SER A 36 -13.77 34.76 9.50
CA SER A 36 -13.34 34.77 8.10
C SER A 36 -12.49 35.98 7.72
N LYS A 37 -11.37 35.72 7.08
CA LYS A 37 -10.47 36.78 6.66
C LYS A 37 -11.27 37.73 5.78
N ASP A 38 -11.75 37.21 4.65
CA ASP A 38 -12.55 38.02 3.75
C ASP A 38 -14.00 37.92 4.16
N LYS A 39 -14.69 39.05 4.14
CA LYS A 39 -16.10 39.11 4.51
C LYS A 39 -17.00 39.03 3.30
N TYR A 40 -17.58 37.85 3.07
CA TYR A 40 -18.46 37.61 1.94
C TYR A 40 -19.85 38.16 2.19
N ALA A 41 -20.27 38.15 3.45
CA ALA A 41 -21.58 38.66 3.83
C ALA A 41 -21.53 38.97 5.32
N LYS A 42 -22.52 39.68 5.83
CA LYS A 42 -22.50 40.02 7.24
C LYS A 42 -23.17 38.91 8.03
N TYR A 43 -23.79 37.98 7.32
CA TYR A 43 -24.50 36.84 7.93
C TYR A 43 -24.51 35.63 7.01
N ILE A 44 -23.88 34.54 7.45
CA ILE A 44 -23.84 33.32 6.66
C ILE A 44 -24.66 32.26 7.37
N ASP A 45 -25.72 31.80 6.71
CA ASP A 45 -26.59 30.80 7.30
C ASP A 45 -27.03 31.26 8.68
N GLY A 46 -27.53 32.49 8.73
CA GLY A 46 -28.01 33.05 9.98
C GLY A 46 -26.98 33.16 11.09
N LYS A 47 -25.72 33.45 10.73
CA LYS A 47 -24.67 33.59 11.72
C LYS A 47 -23.75 34.74 11.36
N GLU A 48 -23.47 35.59 12.34
CA GLU A 48 -22.62 36.74 12.12
C GLU A 48 -21.21 36.35 11.77
N VAL A 49 -20.67 36.99 10.75
CA VAL A 49 -19.31 36.74 10.32
C VAL A 49 -18.42 37.74 11.05
N ILE A 50 -17.51 37.27 11.89
CA ILE A 50 -16.65 38.19 12.62
C ILE A 50 -15.18 37.98 12.28
N ASP A 51 -14.33 38.80 12.87
CA ASP A 51 -12.90 38.76 12.64
C ASP A 51 -12.18 38.09 13.82
N LYS A 52 -10.98 37.57 13.58
CA LYS A 52 -10.21 36.90 14.63
C LYS A 52 -10.11 37.82 15.84
N THR A 53 -10.08 39.12 15.56
CA THR A 53 -9.99 40.14 16.59
C THR A 53 -11.21 40.16 17.50
N GLU A 54 -12.40 39.92 16.96
CA GLU A 54 -13.59 39.94 17.80
C GLU A 54 -14.01 38.59 18.35
N ILE A 55 -13.09 37.62 18.31
CA ILE A 55 -13.38 36.29 18.82
C ILE A 55 -13.57 36.35 20.32
N SER A 56 -12.74 37.14 20.97
CA SER A 56 -12.79 37.31 22.42
C SER A 56 -14.16 37.76 22.90
N ASN A 57 -15.02 38.13 21.96
CA ASN A 57 -16.36 38.59 22.31
C ASN A 57 -17.34 37.45 22.48
N TYR A 58 -16.86 36.21 22.29
CA TYR A 58 -17.73 35.04 22.39
C TYR A 58 -17.26 33.96 23.35
N GLU A 59 -18.21 33.21 23.89
CA GLU A 59 -17.91 32.09 24.78
C GLU A 59 -17.88 30.89 23.84
N PHE A 60 -16.97 29.94 24.05
CA PHE A 60 -16.90 28.80 23.15
C PHE A 60 -16.02 27.66 23.62
N ASP A 61 -16.42 26.45 23.24
CA ASP A 61 -15.69 25.26 23.60
C ASP A 61 -14.61 24.88 22.59
N TYR A 62 -14.86 25.16 21.31
CA TYR A 62 -13.89 24.83 20.28
C TYR A 62 -13.97 25.76 19.08
N ILE A 63 -12.91 25.75 18.28
CA ILE A 63 -12.83 26.51 17.06
C ILE A 63 -12.67 25.37 16.09
N ILE A 64 -13.55 25.27 15.10
CA ILE A 64 -13.42 24.19 14.14
C ILE A 64 -12.97 24.82 12.83
N ILE A 65 -11.73 24.58 12.44
CA ILE A 65 -11.23 25.16 11.19
C ILE A 65 -11.62 24.31 10.00
N PHE A 66 -12.19 24.96 8.99
CA PHE A 66 -12.58 24.29 7.76
C PHE A 66 -11.77 24.89 6.63
N ASN A 67 -10.54 24.41 6.49
CA ASN A 67 -9.62 24.88 5.46
C ASN A 67 -8.51 23.81 5.34
N LYS A 68 -8.75 22.84 4.48
CA LYS A 68 -7.81 21.73 4.26
C LYS A 68 -6.34 22.08 4.39
N GLU A 69 -5.78 22.65 3.32
CA GLU A 69 -4.38 23.04 3.26
C GLU A 69 -3.94 24.05 4.31
N ARG A 70 -4.44 25.28 4.19
CA ARG A 70 -4.08 26.36 5.11
C ARG A 70 -4.40 26.14 6.59
N TYR A 71 -4.87 24.94 6.96
CA TYR A 71 -5.19 24.66 8.35
C TYR A 71 -4.08 25.11 9.30
N SER A 72 -2.90 24.52 9.15
CA SER A 72 -1.75 24.83 10.01
C SER A 72 -1.54 26.31 10.28
N ASP A 73 -1.65 27.13 9.25
CA ASP A 73 -1.45 28.56 9.45
C ASP A 73 -2.55 29.19 10.27
N ILE A 74 -3.77 28.72 10.11
CA ILE A 74 -4.85 29.28 10.88
C ILE A 74 -4.67 28.83 12.32
N LYS A 75 -4.27 27.59 12.51
CA LYS A 75 -4.07 27.07 13.85
C LYS A 75 -3.07 28.00 14.55
N ASN A 76 -2.10 28.52 13.81
CA ASN A 76 -1.12 29.41 14.41
C ASN A 76 -1.79 30.71 14.81
N GLU A 77 -2.49 31.34 13.89
CA GLU A 77 -3.17 32.57 14.21
C GLU A 77 -4.02 32.34 15.45
N ALA A 78 -4.57 31.14 15.55
CA ALA A 78 -5.38 30.78 16.70
C ALA A 78 -4.50 30.87 17.93
N LEU A 79 -3.43 30.08 17.93
CA LEU A 79 -2.50 30.09 19.05
C LEU A 79 -1.97 31.50 19.33
N GLU A 80 -1.58 32.20 18.26
CA GLU A 80 -1.06 33.56 18.39
C GLU A 80 -2.09 34.47 19.04
N LEU A 81 -3.35 34.04 19.03
CA LEU A 81 -4.41 34.84 19.63
C LEU A 81 -4.64 34.50 21.09
N GLY A 82 -3.85 33.58 21.63
CA GLY A 82 -3.99 33.20 23.02
C GLY A 82 -4.91 32.02 23.25
N ILE A 83 -5.45 31.47 22.18
CA ILE A 83 -6.35 30.33 22.30
C ILE A 83 -5.54 29.05 22.50
N PRO A 84 -5.82 28.31 23.56
CA PRO A 84 -5.07 27.07 23.79
C PRO A 84 -5.38 26.03 22.72
N GLU A 85 -4.33 25.36 22.25
CA GLU A 85 -4.46 24.33 21.22
C GLU A 85 -5.58 23.32 21.50
N ARG A 86 -5.85 23.09 22.77
CA ARG A 86 -6.87 22.16 23.24
C ARG A 86 -8.25 22.41 22.63
N LYS A 87 -8.50 23.65 22.22
CA LYS A 87 -9.79 24.04 21.65
C LYS A 87 -9.78 24.23 20.13
N ILE A 88 -8.74 23.74 19.45
CA ILE A 88 -8.66 23.89 18.00
C ILE A 88 -8.84 22.53 17.32
N LEU A 89 -9.93 22.35 16.58
CA LEU A 89 -10.20 21.09 15.90
C LEU A 89 -10.09 21.22 14.38
N ASN A 90 -9.59 20.17 13.71
CA ASN A 90 -9.39 20.21 12.26
C ASN A 90 -10.59 20.27 11.35
N GLY A 91 -11.78 19.93 11.83
CA GLY A 91 -12.95 20.05 10.97
C GLY A 91 -13.01 19.16 9.74
N LYS A 92 -11.87 18.74 9.23
CA LYS A 92 -11.87 17.86 8.08
C LYS A 92 -12.21 16.48 8.61
N PHE A 93 -11.98 16.27 9.91
CA PHE A 93 -12.29 14.97 10.49
C PHE A 93 -13.78 14.76 10.56
N PHE A 94 -14.53 15.81 10.24
CA PHE A 94 -15.98 15.72 10.21
C PHE A 94 -16.36 14.76 9.08
N PHE A 95 -15.51 14.69 8.07
CA PHE A 95 -15.78 13.86 6.91
C PHE A 95 -15.43 12.40 7.09
N ILE A 96 -15.25 11.99 8.34
CA ILE A 96 -14.94 10.61 8.66
C ILE A 96 -16.24 9.81 8.53
N SER A 97 -16.11 8.54 8.16
CA SER A 97 -17.23 7.64 7.95
C SER A 97 -18.46 7.73 8.86
N ASN A 98 -18.35 7.36 10.13
CA ASN A 98 -19.51 7.45 11.03
C ASN A 98 -19.19 8.44 12.10
N PHE A 99 -19.11 9.69 11.67
CA PHE A 99 -18.77 10.78 12.56
C PHE A 99 -19.90 11.10 13.54
N ASP A 100 -19.50 11.58 14.70
CA ASP A 100 -20.39 12.02 15.76
C ASP A 100 -19.55 12.89 16.67
N PHE A 101 -19.86 14.18 16.68
CA PHE A 101 -19.11 15.15 17.46
C PHE A 101 -18.93 14.82 18.94
N LYS A 102 -19.98 14.32 19.57
CA LYS A 102 -19.90 13.99 20.99
C LYS A 102 -18.92 12.84 21.26
N ARG A 103 -18.90 11.84 20.40
CA ARG A 103 -17.97 10.74 20.59
C ARG A 103 -16.57 11.25 20.26
N TYR A 104 -16.48 12.07 19.23
CA TYR A 104 -15.18 12.59 18.82
C TYR A 104 -14.53 13.43 19.90
N CYS A 105 -15.31 14.29 20.55
CA CYS A 105 -14.79 15.13 21.62
C CYS A 105 -14.52 14.35 22.90
N LYS A 106 -15.35 13.34 23.17
CA LYS A 106 -15.16 12.51 24.34
C LYS A 106 -13.73 11.99 24.33
N LEU A 107 -13.37 11.29 23.25
CA LEU A 107 -12.04 10.72 23.08
C LEU A 107 -10.94 11.78 23.19
N ILE A 108 -11.27 13.02 22.89
CA ILE A 108 -10.30 14.10 22.97
C ILE A 108 -10.16 14.64 24.39
N GLU A 109 -11.30 14.88 25.04
CA GLU A 109 -11.31 15.41 26.40
C GLU A 109 -10.83 14.41 27.44
N ASN A 110 -11.00 13.12 27.16
CA ASN A 110 -10.50 12.09 28.07
C ASN A 110 -9.61 11.23 27.18
N PRO A 111 -8.50 11.80 26.72
CA PRO A 111 -7.50 11.18 25.83
C PRO A 111 -7.51 9.67 25.77
N ILE A 112 -7.83 9.13 24.61
CA ILE A 112 -7.83 7.68 24.47
C ILE A 112 -6.40 7.30 24.29
N THR A 113 -5.92 6.42 25.14
CA THR A 113 -4.55 5.97 25.00
C THR A 113 -4.72 4.52 24.54
N ILE A 114 -4.46 4.31 23.25
CA ILE A 114 -4.59 3.00 22.62
C ILE A 114 -3.35 2.15 22.86
N ILE A 115 -3.56 0.85 22.95
CA ILE A 115 -2.48 -0.11 23.16
C ILE A 115 -2.64 -1.22 22.13
N SER A 116 -1.68 -1.36 21.23
CA SER A 116 -1.80 -2.41 20.23
C SER A 116 -0.51 -3.20 20.03
N ASP A 117 -0.66 -4.43 19.55
CA ASP A 117 0.48 -5.29 19.30
C ASP A 117 1.21 -4.88 18.03
N ASP A 118 0.52 -4.14 17.17
CA ASP A 118 1.11 -3.68 15.91
C ASP A 118 0.94 -2.18 15.76
N CYS A 119 0.99 -1.69 14.52
CA CYS A 119 0.85 -0.25 14.25
C CYS A 119 -0.57 0.28 14.29
N TRP A 120 -1.56 -0.62 14.29
CA TRP A 120 -2.96 -0.22 14.29
C TRP A 120 -3.21 1.06 15.06
N GLY A 121 -2.98 1.01 16.37
CA GLY A 121 -3.18 2.16 17.21
C GLY A 121 -2.65 3.47 16.66
N GLY A 122 -1.42 3.46 16.18
CA GLY A 122 -0.85 4.67 15.62
C GLY A 122 -1.67 5.16 14.44
N LEU A 123 -2.02 4.25 13.55
CA LEU A 123 -2.82 4.58 12.38
C LEU A 123 -4.16 5.21 12.79
N VAL A 124 -4.91 4.50 13.63
CA VAL A 124 -6.20 4.99 14.08
C VAL A 124 -6.07 6.40 14.66
N SER A 125 -5.05 6.63 15.47
CA SER A 125 -4.86 7.95 16.04
C SER A 125 -4.69 9.01 14.95
N SER A 126 -3.99 8.66 13.89
CA SER A 126 -3.78 9.60 12.78
C SER A 126 -5.08 9.84 12.03
N TYR A 127 -5.75 8.76 11.68
CA TYR A 127 -7.00 8.86 10.95
C TYR A 127 -7.98 9.80 11.64
N LEU A 128 -7.93 9.85 12.97
CA LEU A 128 -8.83 10.71 13.73
C LEU A 128 -8.17 12.04 14.06
N GLY A 129 -6.87 12.14 13.85
CA GLY A 129 -6.20 13.38 14.16
C GLY A 129 -5.91 13.51 15.64
N PHE A 130 -5.85 12.39 16.33
CA PHE A 130 -5.55 12.41 17.75
C PHE A 130 -4.03 12.39 17.89
N LYS A 131 -3.54 12.73 19.08
CA LYS A 131 -2.12 12.74 19.37
C LYS A 131 -1.76 11.39 19.96
N PHE A 132 -0.53 10.95 19.77
CA PHE A 132 -0.11 9.65 20.31
C PHE A 132 0.05 9.62 21.83
N ASN A 133 -1.04 9.39 22.53
CA ASN A 133 -1.00 9.35 23.97
C ASN A 133 -0.74 7.92 24.40
N SER A 134 0.28 7.34 23.80
CA SER A 134 0.69 5.97 24.06
C SER A 134 2.06 5.72 23.44
N PRO A 135 2.83 4.78 24.02
CA PRO A 135 4.16 4.44 23.51
C PRO A 135 4.15 3.34 22.44
N PHE A 136 2.97 2.80 22.15
CA PHE A 136 2.88 1.74 21.15
C PHE A 136 2.69 2.26 19.73
N ILE A 137 3.78 2.77 19.20
CA ILE A 137 3.83 3.33 17.86
C ILE A 137 5.03 2.72 17.15
N ASN A 138 4.86 2.33 15.89
CA ASN A 138 5.95 1.78 15.10
C ASN A 138 6.72 0.55 15.61
N PHE A 139 6.02 -0.46 16.08
CA PHE A 139 6.65 -1.70 16.54
C PHE A 139 5.60 -2.75 16.83
N TYR A 140 5.98 -4.01 16.72
CA TYR A 140 5.04 -5.08 16.99
C TYR A 140 5.61 -6.11 17.96
N ILE A 141 4.74 -6.78 18.70
CA ILE A 141 5.15 -7.80 19.64
C ILE A 141 4.31 -9.04 19.42
N HIS A 142 4.98 -10.17 19.25
CA HIS A 142 4.33 -11.45 19.00
C HIS A 142 3.23 -11.74 20.00
N ASN A 143 2.21 -12.47 19.57
CA ASN A 143 1.10 -12.81 20.45
C ASN A 143 1.54 -13.39 21.79
N ASP A 144 2.37 -14.43 21.74
CA ASP A 144 2.85 -15.09 22.96
C ASP A 144 3.35 -14.08 23.97
N ASP A 145 4.28 -13.22 23.56
CA ASP A 145 4.81 -12.20 24.45
C ASP A 145 3.78 -11.12 24.79
N TYR A 146 2.96 -10.73 23.82
CA TYR A 146 1.95 -9.69 24.02
C TYR A 146 0.95 -10.02 25.11
N ILE A 147 0.36 -11.22 25.05
CA ILE A 147 -0.62 -11.60 26.06
C ILE A 147 0.01 -11.48 27.44
N LYS A 148 1.30 -11.82 27.54
CA LYS A 148 2.04 -11.72 28.79
C LYS A 148 2.00 -10.31 29.35
N PHE A 149 2.27 -9.34 28.50
CA PHE A 149 2.27 -7.92 28.88
C PHE A 149 0.94 -7.37 29.39
N LEU A 150 -0.14 -7.69 28.70
CA LEU A 150 -1.44 -7.18 29.10
C LEU A 150 -1.88 -7.75 30.45
N GLU A 151 -1.26 -8.86 30.85
CA GLU A 151 -1.58 -9.51 32.12
C GLU A 151 -0.79 -8.92 33.28
N ASN A 152 0.36 -8.33 32.99
CA ASN A 152 1.19 -7.70 34.01
C ASN A 152 1.82 -6.44 33.42
N MSE A 153 0.99 -5.45 33.16
CA MSE A 153 1.38 -4.19 32.56
C MSE A 153 2.38 -3.31 33.34
O MSE A 153 3.55 -3.21 32.96
CB MSE A 153 0.13 -3.40 32.23
CG MSE A 153 0.33 -2.25 31.27
SE MSE A 153 -1.37 -1.50 30.71
CE MSE A 153 -1.77 -2.70 29.25
N ASP A 154 1.91 -2.68 34.41
CA ASP A 154 2.73 -1.79 35.22
C ASP A 154 4.16 -2.30 35.46
N TYR A 155 4.28 -3.60 35.73
CA TYR A 155 5.59 -4.19 35.95
C TYR A 155 6.44 -3.82 34.74
N TYR A 156 6.18 -4.48 33.63
CA TYR A 156 6.91 -4.25 32.38
C TYR A 156 7.10 -2.77 32.06
N LEU A 157 6.10 -1.95 32.36
CA LEU A 157 6.23 -0.52 32.08
C LEU A 157 7.28 0.15 32.94
N GLU A 158 7.75 -0.57 33.97
CA GLU A 158 8.76 -0.04 34.86
C GLU A 158 10.16 -0.47 34.43
N GLN A 159 10.23 -1.59 33.72
CA GLN A 159 11.51 -2.11 33.22
C GLN A 159 12.12 -1.18 32.18
N GLU A 160 13.43 -1.01 32.27
CA GLU A 160 14.14 -0.16 31.32
C GLU A 160 14.19 -0.92 30.00
N LEU A 161 14.15 -0.19 28.88
CA LEU A 161 14.21 -0.84 27.58
C LEU A 161 15.67 -1.23 27.36
N LYS A 162 15.89 -2.52 27.12
CA LYS A 162 17.24 -3.02 26.90
C LYS A 162 17.40 -3.63 25.52
N VAL A 163 18.30 -3.06 24.72
CA VAL A 163 18.56 -3.53 23.36
C VAL A 163 18.63 -5.05 23.33
N GLU A 164 18.13 -5.64 22.25
CA GLU A 164 18.17 -7.08 22.06
C GLU A 164 18.80 -7.30 20.69
N GLN A 165 18.80 -6.23 19.89
CA GLN A 165 19.36 -6.23 18.54
C GLN A 165 19.54 -4.79 18.09
N GLU A 166 20.68 -4.47 17.51
CA GLU A 166 20.95 -3.10 17.09
C GLU A 166 20.40 -2.68 15.73
N GLY A 167 20.06 -3.66 14.89
CA GLY A 167 19.52 -3.35 13.59
C GLY A 167 20.46 -2.72 12.58
N ASN A 168 20.48 -3.29 11.38
CA ASN A 168 21.33 -2.80 10.30
C ASN A 168 20.53 -2.79 9.00
N VAL A 169 20.53 -1.65 8.32
CA VAL A 169 19.80 -1.54 7.06
C VAL A 169 20.35 -2.39 5.92
N TYR A 170 21.64 -2.72 5.96
CA TYR A 170 22.22 -3.52 4.88
C TYR A 170 22.07 -5.03 5.02
N SER A 171 21.09 -5.44 5.81
CA SER A 171 20.78 -6.84 6.04
C SER A 171 19.33 -6.84 6.45
N CYS A 172 18.68 -5.73 6.13
CA CYS A 172 17.27 -5.50 6.45
C CYS A 172 16.96 -5.93 7.88
N THR A 173 17.91 -5.68 8.77
CA THR A 173 17.74 -6.01 10.18
C THR A 173 17.22 -4.81 10.94
N MSE A 174 16.07 -4.99 11.59
CA MSE A 174 15.45 -3.91 12.35
C MSE A 174 15.86 -3.95 13.81
O MSE A 174 16.11 -5.02 14.38
CB MSE A 174 13.94 -4.00 12.26
CG MSE A 174 13.40 -5.36 12.67
SE MSE A 174 11.47 -5.41 12.61
CE MSE A 174 11.22 -4.92 10.76
N PRO A 175 15.95 -2.77 14.44
CA PRO A 175 16.34 -2.66 15.85
C PRO A 175 15.29 -3.32 16.74
N LYS A 176 15.71 -4.25 17.59
CA LYS A 176 14.77 -4.90 18.50
C LYS A 176 15.02 -4.45 19.93
N GLY A 177 13.97 -4.51 20.74
CA GLY A 177 14.10 -4.09 22.12
C GLY A 177 13.67 -5.19 23.08
N SER A 178 13.91 -4.97 24.36
CA SER A 178 13.57 -5.97 25.35
C SER A 178 13.02 -5.34 26.61
N LEU A 179 12.07 -6.03 27.24
CA LEU A 179 11.45 -5.56 28.48
C LEU A 179 11.14 -6.79 29.31
N GLY A 180 11.84 -6.92 30.44
CA GLY A 180 11.66 -8.08 31.29
C GLY A 180 13.02 -8.73 31.36
N THR A 181 13.16 -9.83 32.09
CA THR A 181 14.48 -10.45 32.20
C THR A 181 14.53 -11.97 32.20
N GLY A 182 13.76 -12.59 33.07
CA GLY A 182 13.77 -14.03 33.14
C GLY A 182 13.15 -14.66 31.91
N ASP A 183 12.75 -15.93 32.02
CA ASP A 183 12.12 -16.63 30.93
C ASP A 183 10.80 -15.93 30.68
N ASN A 184 10.65 -14.77 31.31
CA ASN A 184 9.47 -13.94 31.16
C ASN A 184 9.87 -12.59 30.56
N LYS A 185 10.89 -12.61 29.70
CA LYS A 185 11.34 -11.41 29.02
C LYS A 185 10.49 -11.17 27.78
N ILE A 186 10.36 -9.90 27.40
CA ILE A 186 9.54 -9.49 26.26
C ILE A 186 10.36 -8.84 25.15
N ILE A 187 9.94 -9.01 23.91
CA ILE A 187 10.67 -8.40 22.79
C ILE A 187 9.82 -7.43 21.95
N LEU A 188 10.35 -6.23 21.72
CA LEU A 188 9.68 -5.23 20.91
C LEU A 188 10.40 -5.16 19.57
N ASN A 189 9.68 -5.40 18.48
CA ASN A 189 10.32 -5.35 17.17
C ASN A 189 10.02 -3.99 16.51
N PHE A 190 10.92 -3.03 16.70
CA PHE A 190 10.74 -1.70 16.13
C PHE A 190 11.02 -1.76 14.64
N ASN A 191 10.03 -1.45 13.81
CA ASN A 191 10.25 -1.51 12.38
C ASN A 191 10.12 -0.18 11.65
N HIS A 192 10.37 0.91 12.36
CA HIS A 192 10.29 2.22 11.74
C HIS A 192 11.54 3.01 12.07
N GLN A 193 12.07 2.80 13.26
CA GLN A 193 13.27 3.48 13.70
C GLN A 193 14.54 2.94 13.05
N ALA A 194 15.53 3.80 12.89
CA ALA A 194 16.80 3.42 12.29
C ALA A 194 17.65 2.64 13.30
N SER A 195 17.90 3.27 14.45
CA SER A 195 18.71 2.67 15.51
C SER A 195 17.89 2.47 16.79
N PHE A 196 18.27 1.45 17.56
CA PHE A 196 17.61 1.14 18.82
C PHE A 196 17.51 2.38 19.72
N ALA A 197 18.64 3.04 19.93
CA ALA A 197 18.68 4.23 20.77
C ALA A 197 17.51 5.18 20.46
N GLU A 198 17.36 5.52 19.19
CA GLU A 198 16.30 6.42 18.75
C GLU A 198 14.92 5.88 19.15
N ALA A 199 14.76 4.57 19.04
CA ALA A 199 13.50 3.93 19.38
C ALA A 199 13.29 4.08 20.90
N LYS A 200 14.31 3.74 21.67
CA LYS A 200 14.25 3.83 23.13
C LYS A 200 13.83 5.24 23.54
N ASN A 201 14.40 6.25 22.89
CA ASN A 201 14.06 7.64 23.21
C ASN A 201 12.56 7.85 23.13
N ASP A 202 11.98 7.50 21.98
CA ASP A 202 10.56 7.66 21.76
C ASP A 202 9.76 6.89 22.80
N TRP A 203 10.17 5.65 23.03
CA TRP A 203 9.48 4.82 24.00
C TRP A 203 9.35 5.48 25.36
N ASP A 204 10.48 5.71 26.02
CA ASP A 204 10.43 6.34 27.33
C ASP A 204 10.40 7.85 27.20
N GLU A 205 9.22 8.33 26.84
CA GLU A 205 8.92 9.74 26.69
C GLU A 205 7.43 9.71 26.44
N ARG A 206 7.07 8.95 25.43
CA ARG A 206 5.69 8.77 25.04
C ARG A 206 5.05 7.92 26.13
N LYS A 207 5.84 7.01 26.70
CA LYS A 207 5.36 6.14 27.76
C LYS A 207 4.65 6.95 28.82
N THR A 208 5.24 8.09 29.17
CA THR A 208 4.70 8.99 30.19
C THR A 208 3.31 9.52 29.90
N ARG A 209 2.84 9.36 28.66
CA ARG A 209 1.53 9.88 28.30
C ARG A 209 0.35 8.97 28.58
N ILE A 210 0.61 7.70 28.85
CA ILE A 210 -0.45 6.73 29.14
C ILE A 210 -1.55 7.34 29.99
N ASN A 211 -2.81 7.22 29.58
CA ASN A 211 -3.93 7.74 30.35
C ASN A 211 -4.78 6.58 30.86
N LYS A 212 -4.37 6.03 32.00
CA LYS A 212 -5.06 4.90 32.60
C LYS A 212 -6.57 5.12 32.85
N LYS A 213 -7.05 6.31 32.57
CA LYS A 213 -8.46 6.63 32.77
C LYS A 213 -9.30 6.39 31.50
N ASN A 214 -8.64 6.06 30.39
CA ASN A 214 -9.35 5.80 29.13
C ASN A 214 -8.45 4.99 28.22
N LEU A 215 -8.23 3.73 28.60
CA LEU A 215 -7.40 2.81 27.84
C LEU A 215 -8.19 1.95 26.87
N PHE A 216 -7.71 1.85 25.64
CA PHE A 216 -8.36 0.98 24.67
C PHE A 216 -7.29 -0.06 24.38
N VAL A 217 -7.65 -1.33 24.49
CA VAL A 217 -6.71 -2.41 24.23
C VAL A 217 -7.13 -3.23 23.02
N LYS A 218 -6.23 -3.34 22.04
CA LYS A 218 -6.54 -4.11 20.86
C LYS A 218 -5.46 -5.14 20.63
N MSE A 219 -5.86 -6.28 20.11
CA MSE A 219 -4.93 -7.36 19.81
C MSE A 219 -5.44 -8.07 18.57
O MSE A 219 -6.66 -8.15 18.33
CB MSE A 219 -4.83 -8.34 20.98
CG MSE A 219 -3.91 -9.51 20.71
SE MSE A 219 -3.92 -10.82 22.15
CE MSE A 219 -2.05 -11.35 22.10
N LEU A 220 -4.52 -8.58 17.76
CA LEU A 220 -4.88 -9.28 16.55
C LEU A 220 -4.38 -10.72 16.65
N ILE A 221 -5.27 -11.67 16.38
CA ILE A 221 -4.93 -13.08 16.43
C ILE A 221 -5.32 -13.77 15.12
N LYS A 222 -4.34 -13.90 14.24
CA LYS A 222 -4.52 -14.49 12.91
C LYS A 222 -4.89 -15.96 12.87
N ASP A 223 -4.19 -16.78 13.64
CA ASP A 223 -4.43 -18.22 13.62
C ASP A 223 -5.39 -18.73 14.68
N ASP A 224 -5.69 -20.02 14.57
CA ASP A 224 -6.60 -20.68 15.51
C ASP A 224 -5.94 -20.92 16.85
N ASN A 225 -6.28 -20.11 17.83
CA ASN A 225 -5.71 -20.27 19.16
C ASN A 225 -6.72 -19.87 20.22
N GLU A 226 -7.74 -20.71 20.42
CA GLU A 226 -8.77 -20.43 21.40
C GLU A 226 -8.20 -20.21 22.79
N LYS A 227 -7.01 -20.77 23.03
CA LYS A 227 -6.37 -20.61 24.33
C LYS A 227 -6.18 -19.11 24.56
N LEU A 228 -5.40 -18.49 23.67
CA LEU A 228 -5.12 -17.06 23.73
C LEU A 228 -6.39 -16.21 23.77
N VAL A 229 -7.27 -16.43 22.80
CA VAL A 229 -8.51 -15.70 22.71
C VAL A 229 -9.31 -15.74 24.02
N LYS A 230 -9.32 -16.88 24.69
CA LYS A 230 -10.05 -16.97 25.96
C LYS A 230 -9.28 -16.11 26.96
N ARG A 231 -7.98 -16.34 26.98
CA ARG A 231 -7.09 -15.62 27.89
C ARG A 231 -7.27 -14.11 27.73
N PHE A 232 -7.28 -13.64 26.48
CA PHE A 232 -7.45 -12.21 26.20
C PHE A 232 -8.83 -11.75 26.67
N ASP A 233 -9.86 -12.49 26.27
CA ASP A 233 -11.23 -12.15 26.64
C ASP A 233 -11.35 -12.01 28.15
N ASN A 234 -10.35 -12.51 28.88
CA ASN A 234 -10.37 -12.45 30.33
C ASN A 234 -9.64 -11.30 30.97
N LEU A 235 -8.90 -10.52 30.19
CA LEU A 235 -8.20 -9.38 30.76
C LEU A 235 -9.19 -8.48 31.51
N PRO A 236 -8.75 -7.85 32.60
CA PRO A 236 -9.62 -6.97 33.39
C PRO A 236 -10.18 -5.79 32.62
N TYR A 237 -9.38 -5.30 31.67
CA TYR A 237 -9.73 -4.16 30.84
C TYR A 237 -11.16 -4.11 30.36
N LYS A 238 -11.84 -3.03 30.73
CA LYS A 238 -13.23 -2.83 30.38
C LYS A 238 -13.38 -2.55 28.89
N ASN A 239 -12.49 -1.73 28.34
CA ASN A 239 -12.57 -1.38 26.93
C ASN A 239 -11.48 -2.06 26.12
N LYS A 240 -11.81 -3.17 25.47
CA LYS A 240 -10.82 -3.91 24.68
C LYS A 240 -11.45 -4.71 23.53
N VAL A 241 -10.69 -4.91 22.46
CA VAL A 241 -11.18 -5.68 21.31
C VAL A 241 -10.09 -6.54 20.69
N CYS A 242 -10.50 -7.69 20.16
CA CYS A 242 -9.56 -8.63 19.53
C CYS A 242 -10.05 -9.00 18.13
N PHE A 243 -9.22 -8.75 17.13
CA PHE A 243 -9.59 -9.07 15.75
C PHE A 243 -9.31 -10.56 15.47
N HIS A 244 -10.33 -11.25 14.94
CA HIS A 244 -10.21 -12.68 14.63
C HIS A 244 -10.81 -13.06 13.26
N PRO A 245 -10.19 -14.03 12.56
CA PRO A 245 -10.62 -14.52 11.24
C PRO A 245 -12.00 -15.15 11.23
N LYS A 246 -12.45 -15.56 12.41
CA LYS A 246 -13.75 -16.19 12.53
C LYS A 246 -14.47 -15.71 13.79
N PRO A 247 -15.80 -15.76 13.79
CA PRO A 247 -16.55 -15.33 14.96
C PRO A 247 -16.26 -16.24 16.15
N MSE A 248 -16.36 -15.70 17.35
CA MSE A 248 -16.08 -16.45 18.58
C MSE A 248 -17.12 -16.14 19.64
O MSE A 248 -17.74 -15.08 19.61
CB MSE A 248 -14.71 -16.10 19.11
CG MSE A 248 -13.57 -16.46 18.18
SE MSE A 248 -13.05 -18.30 18.36
CE MSE A 248 -11.34 -18.03 19.23
N LYS A 249 -17.28 -17.06 20.56
CA LYS A 249 -18.23 -16.90 21.66
C LYS A 249 -17.71 -15.89 22.66
N TYR A 250 -16.44 -15.51 22.51
CA TYR A 250 -15.81 -14.55 23.40
C TYR A 250 -16.20 -13.13 22.98
N LYS A 251 -16.98 -12.47 23.83
CA LYS A 251 -17.48 -11.12 23.59
C LYS A 251 -16.49 -10.09 23.03
N SER A 252 -15.24 -10.16 23.46
CA SER A 252 -14.25 -9.20 22.99
C SER A 252 -13.76 -9.44 21.58
N VAL A 253 -14.11 -10.57 20.99
CA VAL A 253 -13.69 -10.91 19.63
C VAL A 253 -14.49 -10.11 18.60
N ALA A 254 -13.84 -9.71 17.50
CA ALA A 254 -14.50 -8.92 16.46
C ALA A 254 -15.03 -9.73 15.26
N PHE A 255 -14.18 -9.96 14.28
CA PHE A 255 -14.60 -10.68 13.08
C PHE A 255 -15.38 -9.79 12.12
N PHE A 256 -14.78 -9.57 10.96
CA PHE A 256 -15.38 -8.74 9.92
C PHE A 256 -15.73 -9.61 8.70
N PRO A 257 -17.02 -9.94 8.54
CA PRO A 257 -17.48 -10.75 7.43
C PRO A 257 -16.88 -10.28 6.11
N ARG A 258 -16.82 -8.95 5.94
CA ARG A 258 -16.29 -8.36 4.73
C ARG A 258 -14.84 -8.78 4.50
N TYR A 259 -14.10 -9.02 5.57
CA TYR A 259 -12.71 -9.45 5.44
C TYR A 259 -12.66 -10.76 4.66
N ILE A 260 -13.28 -11.79 5.23
CA ILE A 260 -13.32 -13.10 4.59
C ILE A 260 -13.74 -12.92 3.14
N TRP A 261 -14.74 -12.09 2.90
CA TRP A 261 -15.20 -11.85 1.54
C TRP A 261 -14.04 -11.42 0.64
N ARG A 262 -13.31 -10.40 1.06
CA ARG A 262 -12.18 -9.89 0.29
C ARG A 262 -11.16 -10.98 0.02
N CYS A 263 -10.84 -11.72 1.09
CA CYS A 263 -9.88 -12.82 1.03
C CYS A 263 -10.11 -13.79 -0.10
N ILE A 264 -11.37 -13.99 -0.50
CA ILE A 264 -11.64 -14.94 -1.55
C ILE A 264 -12.42 -14.43 -2.75
N ASN A 265 -12.68 -13.13 -2.81
CA ASN A 265 -13.41 -12.56 -3.93
C ASN A 265 -12.87 -11.26 -4.50
N TYR A 266 -12.41 -10.35 -3.64
CA TYR A 266 -11.88 -9.08 -4.11
C TYR A 266 -10.80 -9.36 -5.14
N ALA A 267 -11.06 -8.95 -6.39
CA ALA A 267 -10.16 -9.15 -7.52
C ALA A 267 -8.77 -8.55 -7.31
N ALA A 268 -8.71 -7.22 -7.20
CA ALA A 268 -7.44 -6.54 -7.00
C ALA A 268 -6.92 -6.74 -5.58
N ARG A 269 -7.40 -7.77 -4.90
CA ARG A 269 -6.97 -8.05 -3.54
C ARG A 269 -5.45 -8.13 -3.56
N THR A 270 -4.83 -7.97 -2.41
CA THR A 270 -3.38 -8.04 -2.31
C THR A 270 -2.94 -9.40 -1.74
N SER A 271 -3.70 -9.92 -0.78
CA SER A 271 -3.39 -11.21 -0.17
C SER A 271 -4.66 -12.00 0.05
N ASN A 272 -4.54 -13.15 0.70
CA ASN A 272 -5.68 -14.02 0.98
C ASN A 272 -5.61 -14.43 2.44
N SER A 273 -5.04 -13.57 3.29
CA SER A 273 -4.91 -13.89 4.70
C SER A 273 -4.29 -12.76 5.50
N ASN A 274 -4.16 -11.59 4.86
CA ASN A 274 -3.57 -10.44 5.51
C ASN A 274 -4.58 -9.66 6.34
N LEU A 275 -5.13 -10.31 7.36
CA LEU A 275 -6.10 -9.67 8.23
C LEU A 275 -5.56 -8.40 8.90
N GLU A 276 -4.26 -8.37 9.18
CA GLU A 276 -3.67 -7.19 9.82
C GLU A 276 -3.59 -6.00 8.86
N GLN A 277 -3.69 -6.28 7.56
CA GLN A 277 -3.67 -5.23 6.55
C GLN A 277 -5.08 -4.66 6.48
N TYR A 278 -6.06 -5.54 6.53
CA TYR A 278 -7.46 -5.18 6.48
C TYR A 278 -7.83 -4.26 7.63
N THR A 279 -7.41 -4.67 8.82
CA THR A 279 -7.69 -3.92 10.05
C THR A 279 -6.93 -2.60 10.14
N MSE A 280 -5.87 -2.46 9.37
CA MSE A 280 -5.10 -1.22 9.42
C MSE A 280 -5.46 -0.27 8.29
O MSE A 280 -5.03 0.88 8.28
CB MSE A 280 -3.60 -1.53 9.38
CG MSE A 280 -3.02 -1.78 10.76
SE MSE A 280 -1.26 -2.59 10.70
CE MSE A 280 -0.21 -1.10 10.04
N ASP A 281 -6.26 -0.75 7.35
CA ASP A 281 -6.68 0.08 6.23
C ASP A 281 -8.04 0.67 6.56
N MSE A 282 -8.05 1.94 6.92
CA MSE A 282 -9.28 2.63 7.30
C MSE A 282 -10.39 2.46 6.28
O MSE A 282 -11.57 2.45 6.65
CB MSE A 282 -9.01 4.11 7.54
CG MSE A 282 -7.91 4.44 8.56
SE MSE A 282 -7.81 3.41 10.22
CE MSE A 282 -9.16 4.28 11.28
N SER A 283 -10.04 2.34 5.00
CA SER A 283 -11.04 2.17 3.95
C SER A 283 -11.86 0.94 4.22
N TRP A 284 -11.24 -0.08 4.80
CA TRP A 284 -11.93 -1.33 5.11
C TRP A 284 -12.52 -1.33 6.51
N LEU A 285 -11.73 -0.91 7.47
CA LEU A 285 -12.15 -0.84 8.85
C LEU A 285 -13.46 -0.04 9.00
N GLU A 286 -13.52 1.15 8.40
CA GLU A 286 -14.73 1.96 8.50
C GLU A 286 -15.97 1.29 7.90
N LYS A 287 -15.76 0.41 6.91
CA LYS A 287 -16.87 -0.29 6.29
C LYS A 287 -17.30 -1.42 7.20
N SER A 288 -16.36 -1.98 7.94
CA SER A 288 -16.69 -3.06 8.84
C SER A 288 -17.13 -2.65 10.23
N CYS A 289 -16.76 -1.44 10.67
CA CYS A 289 -17.17 -1.01 12.00
C CYS A 289 -17.15 0.48 12.24
N ASP A 290 -17.90 0.91 13.24
CA ASP A 290 -17.99 2.31 13.59
C ASP A 290 -16.89 2.64 14.60
N ILE A 291 -15.70 2.90 14.08
CA ILE A 291 -14.53 3.23 14.89
C ILE A 291 -14.82 4.15 16.08
N LEU A 292 -15.46 5.28 15.84
CA LEU A 292 -15.76 6.20 16.92
C LEU A 292 -16.58 5.53 18.03
N LYS A 293 -17.60 4.76 17.63
CA LYS A 293 -18.44 4.07 18.60
C LYS A 293 -17.59 3.06 19.34
N MSE A 294 -16.82 2.29 18.58
CA MSE A 294 -15.95 1.27 19.13
C MSE A 294 -15.03 1.85 20.23
O MSE A 294 -15.07 1.41 21.38
CB MSE A 294 -15.11 0.67 18.02
CG MSE A 294 -14.32 -0.56 18.43
SE MSE A 294 -12.92 -0.97 17.13
CE MSE A 294 -13.80 -2.29 16.04
N LEU A 295 -14.21 2.83 19.85
CA LEU A 295 -13.28 3.46 20.78
C LEU A 295 -13.96 4.04 22.01
N CYS A 296 -15.19 4.54 21.84
CA CYS A 296 -15.88 5.12 22.98
C CYS A 296 -16.35 4.04 23.94
N GLY A 297 -16.05 2.80 23.61
CA GLY A 297 -16.44 1.70 24.46
C GLY A 297 -17.90 1.32 24.40
N GLU A 298 -18.59 1.75 23.35
CA GLU A 298 -19.99 1.41 23.22
C GLU A 298 -20.09 0.02 22.63
N GLU A 299 -21.30 -0.50 22.51
CA GLU A 299 -21.51 -1.81 21.91
C GLU A 299 -22.16 -1.57 20.57
N ASP A 300 -22.25 -2.62 19.77
CA ASP A 300 -22.86 -2.49 18.45
C ASP A 300 -22.09 -1.52 17.57
N PHE A 301 -20.77 -1.66 17.57
CA PHE A 301 -19.94 -0.81 16.74
C PHE A 301 -19.55 -1.58 15.47
N ILE A 302 -19.77 -2.89 15.46
CA ILE A 302 -19.47 -3.69 14.28
C ILE A 302 -20.61 -3.39 13.31
N ARG A 303 -20.29 -2.84 12.14
CA ARG A 303 -21.34 -2.50 11.19
C ARG A 303 -21.90 -3.65 10.37
N GLU A 304 -21.13 -4.71 10.20
CA GLU A 304 -21.60 -5.83 9.40
C GLU A 304 -21.59 -7.15 10.12
N LYS A 305 -22.78 -7.73 10.29
CA LYS A 305 -22.92 -8.96 11.04
C LYS A 305 -23.55 -10.19 10.36
N UNK A 306 -23.50 -11.30 11.10
CA UNK A 306 -24.02 -12.62 10.74
C UNK A 306 -23.58 -13.14 9.38
N MSE B 1 13.16 -0.17 -36.09
CA MSE B 1 12.61 1.02 -36.82
C MSE B 1 11.28 0.59 -37.43
O MSE B 1 11.25 0.13 -38.55
CB MSE B 1 13.57 1.46 -37.92
CG MSE B 1 13.50 2.92 -38.26
SE MSE B 1 11.90 3.49 -39.19
CE MSE B 1 12.76 4.46 -40.66
N TYR B 2 10.21 0.77 -36.68
CA TYR B 2 8.89 0.37 -37.15
C TYR B 2 8.06 1.50 -37.74
N LYS B 3 7.09 1.13 -38.56
CA LYS B 3 6.18 2.09 -39.18
C LYS B 3 4.88 1.89 -38.41
N CYS B 4 4.32 2.96 -37.86
CA CYS B 4 3.09 2.79 -37.08
C CYS B 4 2.00 3.77 -37.46
N LEU B 5 0.77 3.34 -37.23
CA LEU B 5 -0.39 4.18 -37.49
C LEU B 5 -0.87 4.58 -36.10
N ILE B 6 -1.25 5.84 -35.93
CA ILE B 6 -1.74 6.32 -34.64
C ILE B 6 -3.26 6.34 -34.67
N TRP B 7 -3.90 5.89 -33.60
CA TRP B 7 -5.36 5.88 -33.54
C TRP B 7 -5.70 6.67 -32.26
N GLY B 8 -5.84 7.99 -32.38
CA GLY B 8 -6.11 8.79 -31.19
C GLY B 8 -6.25 10.29 -31.41
N VAL B 9 -5.18 10.96 -31.77
CA VAL B 9 -5.21 12.41 -32.01
C VAL B 9 -6.00 13.33 -31.06
N ASN B 10 -5.95 13.08 -29.77
CA ASN B 10 -6.62 13.96 -28.80
C ASN B 10 -5.70 14.33 -27.63
N ASP B 11 -6.28 14.53 -26.45
CA ASP B 11 -5.50 14.90 -25.28
C ASP B 11 -4.27 14.02 -25.10
N GLU B 12 -4.48 12.70 -25.06
CA GLU B 12 -3.35 11.79 -24.90
C GLU B 12 -2.36 11.89 -26.05
N TYR B 13 -2.84 12.18 -27.26
CA TYR B 13 -1.97 12.28 -28.42
C TYR B 13 -1.06 13.49 -28.30
N THR B 14 -1.65 14.63 -28.05
CA THR B 14 -0.88 15.86 -27.91
C THR B 14 0.04 15.72 -26.69
N LEU B 15 -0.50 15.13 -25.63
CA LEU B 15 0.26 14.92 -24.42
C LEU B 15 1.51 14.12 -24.73
N ALA B 16 1.37 13.15 -25.60
CA ALA B 16 2.48 12.28 -25.96
C ALA B 16 3.21 12.70 -27.21
N TYR B 17 2.85 13.83 -27.80
CA TYR B 17 3.50 14.24 -29.03
C TYR B 17 5.01 14.37 -28.94
N ASP B 18 5.50 15.08 -27.92
CA ASP B 18 6.94 15.25 -27.75
C ASP B 18 7.65 13.91 -27.66
N LYS B 19 7.09 13.00 -26.88
CA LYS B 19 7.66 11.65 -26.74
C LYS B 19 7.85 11.08 -28.14
N LEU B 20 6.79 11.15 -28.94
CA LEU B 20 6.77 10.68 -30.31
C LEU B 20 7.95 11.27 -31.06
N LEU B 21 8.01 12.60 -31.11
CA LEU B 21 9.09 13.28 -31.82
C LEU B 21 10.42 12.67 -31.42
N PHE B 22 10.58 12.47 -30.11
CA PHE B 22 11.80 11.89 -29.57
C PHE B 22 12.00 10.48 -30.07
N GLU B 23 10.99 9.63 -29.94
CA GLU B 23 11.10 8.27 -30.43
C GLU B 23 11.46 8.33 -31.91
N ILE B 24 10.85 9.28 -32.61
CA ILE B 24 11.12 9.43 -34.04
C ILE B 24 12.55 9.88 -34.21
N SER B 25 13.00 10.82 -33.38
CA SER B 25 14.36 11.33 -33.50
C SER B 25 15.36 10.17 -33.39
N LYS B 26 15.16 9.30 -32.41
CA LYS B 26 16.02 8.15 -32.22
C LYS B 26 15.84 7.19 -33.39
N GLY B 27 14.89 7.50 -34.25
CA GLY B 27 14.63 6.66 -35.41
C GLY B 27 13.91 5.37 -35.06
N ASN B 28 13.33 5.30 -33.86
CA ASN B 28 12.61 4.09 -33.45
C ASN B 28 11.34 3.84 -34.24
N LEU B 29 10.72 4.89 -34.79
CA LEU B 29 9.50 4.70 -35.54
C LEU B 29 9.20 5.84 -36.49
N SER B 30 8.06 5.75 -37.16
CA SER B 30 7.59 6.74 -38.10
C SER B 30 6.09 6.59 -38.16
N ILE B 31 5.38 7.68 -38.34
CA ILE B 31 3.93 7.66 -38.38
C ILE B 31 3.43 7.71 -39.82
N GLU B 32 2.84 6.61 -40.26
CA GLU B 32 2.33 6.54 -41.62
C GLU B 32 1.09 7.41 -41.74
N ALA B 33 0.17 7.30 -40.78
CA ALA B 33 -1.04 8.09 -40.83
C ALA B 33 -1.82 8.03 -39.52
N LEU B 34 -2.80 8.92 -39.38
CA LEU B 34 -3.61 9.01 -38.17
C LEU B 34 -5.06 8.56 -38.37
N ILE B 35 -5.51 7.62 -37.54
CA ILE B 35 -6.87 7.08 -37.60
C ILE B 35 -7.79 7.79 -36.59
N SER B 36 -8.95 8.27 -37.03
CA SER B 36 -9.87 8.96 -36.13
C SER B 36 -11.33 8.91 -36.60
N LYS B 37 -12.26 8.82 -35.65
CA LYS B 37 -13.69 8.76 -35.96
C LYS B 37 -14.20 10.18 -36.14
N ASP B 38 -13.59 11.11 -35.39
CA ASP B 38 -13.92 12.51 -35.45
C ASP B 38 -12.97 13.16 -36.42
N LYS B 39 -13.50 13.72 -37.50
CA LYS B 39 -12.63 14.37 -38.46
C LYS B 39 -12.38 15.82 -38.13
N TYR B 40 -11.54 16.05 -37.12
CA TYR B 40 -11.19 17.41 -36.68
C TYR B 40 -10.57 18.22 -37.84
N ALA B 41 -9.63 17.59 -38.55
CA ALA B 41 -8.98 18.25 -39.67
C ALA B 41 -8.51 17.19 -40.68
N LYS B 42 -7.98 17.63 -41.81
CA LYS B 42 -7.51 16.68 -42.81
C LYS B 42 -6.08 16.28 -42.49
N TYR B 43 -5.33 17.22 -41.94
CA TYR B 43 -3.94 17.00 -41.59
C TYR B 43 -3.55 17.44 -40.18
N ILE B 44 -2.99 16.51 -39.42
CA ILE B 44 -2.54 16.81 -38.08
C ILE B 44 -1.05 16.50 -38.00
N ASP B 45 -0.25 17.53 -37.74
CA ASP B 45 1.19 17.40 -37.66
C ASP B 45 1.76 16.80 -38.95
N GLY B 46 1.22 17.25 -40.08
CA GLY B 46 1.71 16.79 -41.37
C GLY B 46 1.32 15.40 -41.81
N LYS B 47 0.72 14.64 -40.91
CA LYS B 47 0.30 13.30 -41.26
C LYS B 47 -1.20 13.37 -41.54
N GLU B 48 -1.65 12.52 -42.45
CA GLU B 48 -3.06 12.49 -42.86
C GLU B 48 -4.00 11.75 -41.95
N VAL B 49 -5.20 12.29 -41.80
CA VAL B 49 -6.22 11.68 -40.94
C VAL B 49 -7.10 10.73 -41.74
N ILE B 50 -6.90 9.42 -41.61
CA ILE B 50 -7.74 8.48 -42.34
C ILE B 50 -8.83 7.87 -41.45
N ASP B 51 -9.61 6.96 -42.02
CA ASP B 51 -10.67 6.33 -41.24
C ASP B 51 -10.34 4.86 -41.02
N LYS B 52 -10.92 4.27 -39.99
CA LYS B 52 -10.64 2.87 -39.66
C LYS B 52 -10.92 1.86 -40.77
N THR B 53 -11.49 2.31 -41.88
CA THR B 53 -11.78 1.41 -42.99
C THR B 53 -10.70 1.51 -44.05
N GLU B 54 -9.81 2.48 -43.88
CA GLU B 54 -8.73 2.67 -44.83
C GLU B 54 -7.37 2.20 -44.34
N ILE B 55 -7.26 1.87 -43.06
CA ILE B 55 -5.98 1.44 -42.52
C ILE B 55 -5.44 0.32 -43.40
N SER B 56 -6.37 -0.46 -43.98
CA SER B 56 -6.02 -1.59 -44.84
C SER B 56 -5.15 -1.19 -46.04
N ASN B 57 -5.04 0.10 -46.31
CA ASN B 57 -4.24 0.59 -47.43
C ASN B 57 -2.86 1.00 -46.99
N TYR B 58 -2.45 0.56 -45.81
CA TYR B 58 -1.13 0.91 -45.30
C TYR B 58 -0.37 -0.27 -44.76
N GLU B 59 0.95 -0.22 -44.87
CA GLU B 59 1.79 -1.27 -44.33
C GLU B 59 2.25 -0.69 -43.01
N PHE B 60 2.16 -1.46 -41.94
CA PHE B 60 2.57 -0.98 -40.62
C PHE B 60 2.78 -2.16 -39.72
N ASP B 61 3.63 -2.01 -38.71
CA ASP B 61 3.89 -3.10 -37.80
C ASP B 61 3.07 -2.88 -36.56
N TYR B 62 2.68 -1.64 -36.31
CA TYR B 62 1.89 -1.34 -35.12
C TYR B 62 0.87 -0.24 -35.22
N ILE B 63 -0.18 -0.38 -34.42
CA ILE B 63 -1.24 0.61 -34.31
C ILE B 63 -1.12 1.10 -32.87
N ILE B 64 -0.87 2.39 -32.69
CA ILE B 64 -0.74 2.94 -31.35
C ILE B 64 -2.05 3.61 -30.94
N ILE B 65 -2.75 3.01 -29.99
CA ILE B 65 -4.03 3.55 -29.52
C ILE B 65 -3.80 4.60 -28.43
N PHE B 66 -4.21 5.84 -28.69
CA PHE B 66 -4.09 6.90 -27.69
C PHE B 66 -5.47 7.30 -27.21
N ASN B 67 -5.97 6.57 -26.22
CA ASN B 67 -7.29 6.81 -25.65
C ASN B 67 -7.47 5.79 -24.53
N LYS B 68 -7.05 6.16 -23.33
CA LYS B 68 -7.12 5.28 -22.17
C LYS B 68 -8.52 4.76 -21.86
N GLU B 69 -9.44 5.67 -21.55
CA GLU B 69 -10.82 5.33 -21.23
C GLU B 69 -11.40 4.25 -22.13
N ARG B 70 -11.47 4.52 -23.43
CA ARG B 70 -12.04 3.56 -24.37
C ARG B 70 -11.03 2.73 -25.16
N TYR B 71 -9.88 2.45 -24.56
CA TYR B 71 -8.86 1.67 -25.26
C TYR B 71 -9.38 0.31 -25.73
N SER B 72 -9.87 -0.48 -24.80
CA SER B 72 -10.40 -1.81 -25.10
C SER B 72 -11.38 -1.79 -26.28
N ASP B 73 -12.32 -0.86 -26.25
CA ASP B 73 -13.31 -0.77 -27.32
C ASP B 73 -12.63 -0.65 -28.68
N ILE B 74 -11.72 0.32 -28.79
CA ILE B 74 -10.99 0.55 -30.03
C ILE B 74 -10.32 -0.75 -30.50
N LYS B 75 -9.66 -1.41 -29.56
CA LYS B 75 -8.97 -2.64 -29.87
C LYS B 75 -9.94 -3.65 -30.46
N ASN B 76 -11.13 -3.75 -29.86
CA ASN B 76 -12.15 -4.68 -30.33
C ASN B 76 -12.56 -4.43 -31.78
N GLU B 77 -12.68 -3.16 -32.15
CA GLU B 77 -13.07 -2.85 -33.52
C GLU B 77 -11.88 -2.98 -34.45
N ALA B 78 -10.69 -2.82 -33.91
CA ALA B 78 -9.49 -2.96 -34.72
C ALA B 78 -9.38 -4.46 -35.01
N LEU B 79 -9.62 -5.26 -33.98
CA LEU B 79 -9.57 -6.70 -34.12
C LEU B 79 -10.72 -7.06 -35.05
N GLU B 80 -11.85 -6.42 -34.84
CA GLU B 80 -13.04 -6.64 -35.65
C GLU B 80 -12.66 -6.32 -37.09
N LEU B 81 -11.75 -5.35 -37.27
CA LEU B 81 -11.31 -4.96 -38.60
C LEU B 81 -10.37 -6.01 -39.18
N GLY B 82 -10.16 -7.08 -38.41
CA GLY B 82 -9.28 -8.14 -38.84
C GLY B 82 -7.81 -7.82 -38.70
N ILE B 83 -7.45 -7.09 -37.65
CA ILE B 83 -6.06 -6.73 -37.41
C ILE B 83 -5.43 -7.62 -36.35
N PRO B 84 -4.27 -8.22 -36.66
CA PRO B 84 -3.57 -9.11 -35.71
C PRO B 84 -3.49 -8.46 -34.33
N GLU B 85 -3.97 -9.16 -33.31
CA GLU B 85 -3.94 -8.60 -31.96
C GLU B 85 -2.53 -8.19 -31.53
N ARG B 86 -1.53 -8.85 -32.09
CA ARG B 86 -0.15 -8.54 -31.73
C ARG B 86 0.32 -7.17 -32.19
N LYS B 87 -0.31 -6.62 -33.21
CA LYS B 87 0.05 -5.32 -33.76
C LYS B 87 -0.61 -4.14 -33.04
N ILE B 88 -1.48 -4.43 -32.08
CA ILE B 88 -2.18 -3.38 -31.34
C ILE B 88 -1.39 -2.99 -30.09
N LEU B 89 -1.16 -1.69 -29.91
CA LEU B 89 -0.42 -1.22 -28.75
C LEU B 89 -1.22 -0.15 -28.01
N ASN B 90 -0.97 -0.03 -26.71
CA ASN B 90 -1.66 0.97 -25.91
C ASN B 90 -0.73 2.15 -25.67
N GLY B 91 -0.98 3.24 -26.37
CA GLY B 91 -0.13 4.41 -26.24
C GLY B 91 0.11 4.97 -24.85
N LYS B 92 -0.69 4.56 -23.87
CA LYS B 92 -0.49 5.12 -22.54
C LYS B 92 0.82 4.68 -21.90
N PHE B 93 1.43 3.62 -22.42
CA PHE B 93 2.68 3.16 -21.85
C PHE B 93 3.83 4.00 -22.33
N PHE B 94 3.53 4.91 -23.25
CA PHE B 94 4.56 5.81 -23.76
C PHE B 94 4.86 6.74 -22.59
N PHE B 95 3.96 6.76 -21.63
CA PHE B 95 4.11 7.64 -20.49
C PHE B 95 4.85 7.13 -19.27
N ILE B 96 5.46 5.96 -19.34
CA ILE B 96 6.22 5.52 -18.19
C ILE B 96 7.54 6.28 -18.32
N SER B 97 8.32 6.33 -17.24
CA SER B 97 9.59 7.03 -17.29
C SER B 97 10.59 6.21 -18.09
N ASN B 98 11.54 6.89 -18.73
CA ASN B 98 12.56 6.24 -19.55
C ASN B 98 11.96 5.26 -20.55
N PHE B 99 11.02 5.75 -21.32
CA PHE B 99 10.36 4.94 -22.32
C PHE B 99 11.14 4.92 -23.62
N ASP B 100 11.25 3.74 -24.22
CA ASP B 100 11.89 3.62 -25.50
C ASP B 100 11.06 2.64 -26.32
N PHE B 101 10.70 3.04 -27.51
CA PHE B 101 9.88 2.19 -28.34
C PHE B 101 10.58 0.92 -28.75
N LYS B 102 11.83 1.03 -29.18
CA LYS B 102 12.61 -0.11 -29.62
C LYS B 102 12.61 -1.21 -28.56
N ARG B 103 12.89 -0.83 -27.31
CA ARG B 103 12.92 -1.79 -26.21
C ARG B 103 11.54 -2.32 -25.98
N TYR B 104 10.58 -1.43 -25.79
CA TYR B 104 9.21 -1.84 -25.55
C TYR B 104 8.76 -2.91 -26.50
N CYS B 105 8.92 -2.66 -27.80
CA CYS B 105 8.52 -3.63 -28.79
C CYS B 105 9.33 -4.90 -28.73
N LYS B 106 10.62 -4.77 -28.43
CA LYS B 106 11.47 -5.95 -28.34
C LYS B 106 10.87 -6.95 -27.37
N LEU B 107 10.42 -6.47 -26.21
CA LEU B 107 9.83 -7.31 -25.19
C LEU B 107 8.45 -7.86 -25.61
N ILE B 108 7.94 -7.34 -26.72
CA ILE B 108 6.65 -7.78 -27.23
C ILE B 108 6.92 -8.90 -28.24
N GLU B 109 7.66 -8.56 -29.27
CA GLU B 109 7.99 -9.49 -30.33
C GLU B 109 8.63 -10.78 -29.83
N ASN B 110 9.56 -10.69 -28.89
CA ASN B 110 10.11 -11.91 -28.32
C ASN B 110 9.62 -11.88 -26.90
N PRO B 111 8.41 -12.41 -26.67
CA PRO B 111 7.79 -12.44 -25.35
C PRO B 111 8.72 -12.68 -24.20
N ILE B 112 8.87 -11.63 -23.40
CA ILE B 112 9.71 -11.65 -22.22
C ILE B 112 8.92 -12.47 -21.21
N THR B 113 9.57 -13.43 -20.57
CA THR B 113 8.88 -14.22 -19.56
C THR B 113 9.74 -14.15 -18.32
N ILE B 114 9.24 -13.39 -17.34
CA ILE B 114 9.91 -13.15 -16.08
C ILE B 114 9.76 -14.26 -15.05
N ILE B 115 10.87 -14.72 -14.49
CA ILE B 115 10.82 -15.74 -13.46
C ILE B 115 11.21 -15.01 -12.18
N SER B 116 10.36 -15.02 -11.17
CA SER B 116 10.71 -14.32 -9.93
C SER B 116 10.23 -15.03 -8.69
N ASP B 117 10.92 -14.81 -7.57
CA ASP B 117 10.58 -15.43 -6.29
C ASP B 117 9.37 -14.82 -5.58
N ASP B 118 8.79 -13.75 -6.14
CA ASP B 118 7.60 -13.14 -5.57
C ASP B 118 6.74 -12.46 -6.63
N CYS B 119 5.82 -11.62 -6.18
CA CYS B 119 4.90 -10.92 -7.08
C CYS B 119 5.53 -9.92 -8.01
N TRP B 120 6.83 -9.68 -7.83
CA TRP B 120 7.54 -8.71 -8.63
C TRP B 120 7.24 -8.77 -10.12
N GLY B 121 7.43 -9.94 -10.72
CA GLY B 121 7.18 -10.12 -12.15
C GLY B 121 5.76 -9.76 -12.53
N GLY B 122 4.80 -10.24 -11.75
CA GLY B 122 3.41 -9.94 -12.04
C GLY B 122 3.20 -8.44 -12.12
N LEU B 123 3.68 -7.72 -11.11
CA LEU B 123 3.53 -6.26 -11.06
C LEU B 123 4.20 -5.56 -12.23
N VAL B 124 5.42 -6.00 -12.55
CA VAL B 124 6.17 -5.40 -13.65
C VAL B 124 5.46 -5.57 -14.99
N SER B 125 5.00 -6.78 -15.27
CA SER B 125 4.30 -7.05 -16.51
C SER B 125 3.13 -6.10 -16.64
N SER B 126 2.40 -5.93 -15.55
CA SER B 126 1.26 -5.03 -15.57
C SER B 126 1.65 -3.58 -15.78
N TYR B 127 2.76 -3.16 -15.20
CA TYR B 127 3.24 -1.79 -15.33
C TYR B 127 3.51 -1.50 -16.80
N LEU B 128 3.90 -2.54 -17.54
CA LEU B 128 4.20 -2.39 -18.95
C LEU B 128 3.03 -2.79 -19.83
N GLY B 129 1.99 -3.35 -19.22
CA GLY B 129 0.85 -3.75 -19.99
C GLY B 129 1.05 -5.05 -20.75
N PHE B 130 2.03 -5.84 -20.32
CA PHE B 130 2.32 -7.13 -20.96
C PHE B 130 1.45 -8.21 -20.30
N LYS B 131 1.14 -9.25 -21.06
CA LYS B 131 0.35 -10.37 -20.52
C LYS B 131 1.30 -11.25 -19.69
N PHE B 132 0.76 -12.03 -18.76
CA PHE B 132 1.61 -12.89 -17.95
C PHE B 132 2.14 -14.09 -18.72
N ASN B 133 3.31 -13.96 -19.33
CA ASN B 133 3.86 -15.10 -20.05
C ASN B 133 4.78 -15.92 -19.16
N SER B 134 4.33 -16.11 -17.92
CA SER B 134 5.08 -16.86 -16.93
C SER B 134 4.13 -17.31 -15.84
N PRO B 135 4.37 -18.49 -15.25
CA PRO B 135 3.48 -18.97 -14.19
C PRO B 135 3.87 -18.39 -12.83
N PHE B 136 4.96 -17.63 -12.78
CA PHE B 136 5.40 -17.05 -11.52
C PHE B 136 4.67 -15.76 -11.18
N ILE B 137 3.45 -15.94 -10.70
CA ILE B 137 2.57 -14.83 -10.34
C ILE B 137 1.87 -15.09 -9.02
N ASN B 138 1.78 -14.07 -8.19
CA ASN B 138 1.08 -14.18 -6.92
C ASN B 138 1.41 -15.35 -6.00
N PHE B 139 2.69 -15.54 -5.73
CA PHE B 139 3.11 -16.58 -4.81
C PHE B 139 4.59 -16.40 -4.62
N TYR B 140 5.12 -16.83 -3.48
CA TYR B 140 6.53 -16.66 -3.24
C TYR B 140 7.25 -17.94 -2.91
N ILE B 141 8.56 -17.91 -3.10
CA ILE B 141 9.41 -19.06 -2.85
C ILE B 141 10.62 -18.55 -2.09
N HIS B 142 10.90 -19.17 -0.96
CA HIS B 142 12.04 -18.77 -0.16
C HIS B 142 13.35 -19.03 -0.88
N ASN B 143 14.35 -18.20 -0.58
CA ASN B 143 15.68 -18.26 -1.18
C ASN B 143 16.27 -19.64 -1.42
N ASP B 144 16.32 -20.43 -0.37
CA ASP B 144 16.89 -21.76 -0.45
C ASP B 144 16.20 -22.62 -1.51
N ASP B 145 14.87 -22.66 -1.51
CA ASP B 145 14.14 -23.42 -2.51
C ASP B 145 14.20 -22.74 -3.87
N TYR B 146 14.14 -21.42 -3.90
CA TYR B 146 14.16 -20.70 -5.15
C TYR B 146 15.46 -20.91 -5.92
N ILE B 147 16.60 -20.82 -5.23
CA ILE B 147 17.86 -21.03 -5.93
C ILE B 147 17.92 -22.48 -6.40
N LYS B 148 17.44 -23.39 -5.56
CA LYS B 148 17.41 -24.81 -5.91
C LYS B 148 16.67 -24.92 -7.23
N PHE B 149 15.48 -24.31 -7.28
CA PHE B 149 14.67 -24.34 -8.50
C PHE B 149 15.41 -23.85 -9.75
N LEU B 150 15.98 -22.65 -9.66
CA LEU B 150 16.68 -22.04 -10.77
C LEU B 150 17.81 -22.86 -11.36
N GLU B 151 18.36 -23.77 -10.58
CA GLU B 151 19.46 -24.60 -11.06
C GLU B 151 18.96 -25.86 -11.75
N ASN B 152 17.73 -26.28 -11.45
CA ASN B 152 17.19 -27.47 -12.08
C ASN B 152 15.80 -27.17 -12.60
N MSE B 153 15.65 -26.00 -13.20
CA MSE B 153 14.39 -25.53 -13.72
C MSE B 153 13.53 -26.53 -14.49
O MSE B 153 12.36 -26.74 -14.15
CB MSE B 153 14.63 -24.31 -14.60
CG MSE B 153 13.37 -23.54 -14.92
SE MSE B 153 13.77 -21.94 -15.91
CE MSE B 153 13.02 -22.45 -17.60
N ASP B 154 14.08 -27.15 -15.53
CA ASP B 154 13.30 -28.09 -16.33
C ASP B 154 12.70 -29.26 -15.55
N TYR B 155 13.45 -29.84 -14.65
CA TYR B 155 12.92 -30.94 -13.86
C TYR B 155 11.65 -30.51 -13.12
N TYR B 156 11.76 -29.41 -12.37
CA TYR B 156 10.62 -28.89 -11.61
C TYR B 156 9.43 -28.53 -12.50
N LEU B 157 9.69 -27.82 -13.58
CA LEU B 157 8.61 -27.46 -14.46
C LEU B 157 7.85 -28.71 -14.92
N GLU B 158 8.58 -29.82 -15.08
CA GLU B 158 7.98 -31.07 -15.53
C GLU B 158 7.24 -31.83 -14.44
N GLN B 159 7.30 -31.34 -13.20
CA GLN B 159 6.61 -31.99 -12.10
C GLN B 159 5.14 -31.60 -12.02
N GLU B 160 4.39 -32.37 -11.24
CA GLU B 160 2.97 -32.13 -11.05
C GLU B 160 2.87 -31.36 -9.73
N LEU B 161 2.11 -30.27 -9.73
CA LEU B 161 1.95 -29.44 -8.53
C LEU B 161 1.06 -30.21 -7.54
N LYS B 162 1.62 -30.49 -6.36
CA LYS B 162 0.89 -31.21 -5.34
C LYS B 162 0.57 -30.28 -4.18
N VAL B 163 -0.54 -30.52 -3.50
CA VAL B 163 -0.92 -29.67 -2.38
C VAL B 163 -0.09 -30.00 -1.15
N GLU B 164 0.49 -28.97 -0.54
CA GLU B 164 1.27 -29.18 0.67
C GLU B 164 0.46 -28.61 1.81
N GLN B 165 -0.55 -27.81 1.48
CA GLN B 165 -1.38 -27.26 2.52
C GLN B 165 -2.67 -26.63 2.04
N GLU B 166 -3.78 -27.27 2.34
CA GLU B 166 -5.07 -26.73 1.96
C GLU B 166 -5.14 -25.37 2.68
N GLY B 167 -5.65 -24.35 2.00
CA GLY B 167 -5.73 -23.05 2.62
C GLY B 167 -7.02 -22.91 3.41
N ASN B 168 -6.98 -22.14 4.49
CA ASN B 168 -8.17 -21.90 5.29
C ASN B 168 -8.22 -20.44 5.67
N VAL B 169 -9.22 -19.72 5.17
CA VAL B 169 -9.35 -18.28 5.44
C VAL B 169 -9.68 -17.98 6.89
N TYR B 170 -10.19 -18.97 7.62
CA TYR B 170 -10.55 -18.74 9.00
C TYR B 170 -9.43 -18.88 10.00
N SER B 171 -8.20 -18.89 9.51
CA SER B 171 -7.02 -18.97 10.36
C SER B 171 -5.87 -18.30 9.61
N CYS B 172 -6.24 -17.56 8.57
CA CYS B 172 -5.27 -16.83 7.76
C CYS B 172 -4.18 -17.74 7.19
N THR B 173 -4.54 -18.96 6.85
CA THR B 173 -3.59 -19.89 6.28
C THR B 173 -3.83 -19.92 4.76
N MSE B 174 -2.75 -19.82 4.01
CA MSE B 174 -2.81 -19.80 2.55
C MSE B 174 -2.49 -21.16 1.96
O MSE B 174 -1.82 -21.99 2.60
CB MSE B 174 -1.80 -18.80 2.01
CG MSE B 174 -0.36 -19.27 2.22
SE MSE B 174 0.99 -17.93 1.86
CE MSE B 174 1.33 -17.40 3.69
N PRO B 175 -2.94 -21.42 0.73
CA PRO B 175 -2.64 -22.70 0.10
C PRO B 175 -1.15 -22.75 -0.20
N LYS B 176 -0.56 -23.93 -0.09
CA LYS B 176 0.86 -24.11 -0.41
C LYS B 176 0.97 -25.32 -1.31
N GLY B 177 1.87 -25.24 -2.28
CA GLY B 177 2.04 -26.36 -3.19
C GLY B 177 3.49 -26.81 -3.21
N SER B 178 3.76 -27.92 -3.87
CA SER B 178 5.13 -28.40 -3.93
C SER B 178 5.40 -29.06 -5.26
N LEU B 179 6.68 -29.07 -5.63
CA LEU B 179 7.19 -29.67 -6.86
C LEU B 179 8.43 -30.50 -6.50
N GLY B 180 8.53 -31.70 -7.06
CA GLY B 180 9.67 -32.56 -6.75
C GLY B 180 9.37 -33.37 -5.50
N THR B 181 10.25 -34.30 -5.15
CA THR B 181 10.05 -35.13 -3.97
C THR B 181 11.32 -35.28 -3.16
N GLY B 182 11.19 -35.82 -1.95
CA GLY B 182 12.37 -36.00 -1.13
C GLY B 182 13.19 -34.74 -0.99
N ASP B 183 14.49 -34.84 -1.19
CA ASP B 183 15.38 -33.69 -1.07
C ASP B 183 15.24 -32.65 -2.19
N ASN B 184 14.53 -33.01 -3.24
CA ASN B 184 14.37 -32.08 -4.35
C ASN B 184 13.03 -31.41 -4.39
N LYS B 185 12.31 -31.46 -3.30
CA LYS B 185 10.99 -30.84 -3.24
C LYS B 185 11.16 -29.36 -2.94
N ILE B 186 10.31 -28.53 -3.52
CA ILE B 186 10.34 -27.09 -3.25
C ILE B 186 8.92 -26.68 -2.95
N ILE B 187 8.77 -25.61 -2.17
CA ILE B 187 7.44 -25.15 -1.77
C ILE B 187 7.03 -23.80 -2.35
N LEU B 188 5.81 -23.74 -2.89
CA LEU B 188 5.27 -22.49 -3.44
C LEU B 188 4.24 -21.99 -2.42
N ASN B 189 4.24 -20.70 -2.14
CA ASN B 189 3.29 -20.17 -1.18
C ASN B 189 2.32 -19.26 -1.93
N PHE B 190 1.04 -19.61 -1.93
CA PHE B 190 0.03 -18.83 -2.65
C PHE B 190 -0.71 -17.76 -1.86
N ASN B 191 -0.42 -16.51 -2.22
CA ASN B 191 -1.03 -15.34 -1.57
C ASN B 191 -2.41 -15.11 -2.15
N HIS B 192 -2.42 -14.42 -3.29
CA HIS B 192 -3.66 -14.09 -3.99
C HIS B 192 -4.71 -15.17 -3.96
N GLN B 193 -4.34 -16.38 -4.37
CA GLN B 193 -5.29 -17.49 -4.42
C GLN B 193 -5.83 -17.91 -3.07
N ALA B 194 -7.10 -18.33 -3.06
CA ALA B 194 -7.75 -18.76 -1.82
C ALA B 194 -7.72 -20.27 -1.65
N SER B 195 -7.78 -20.99 -2.76
CA SER B 195 -7.75 -22.45 -2.74
C SER B 195 -6.62 -22.98 -3.60
N PHE B 196 -6.04 -24.10 -3.19
CA PHE B 196 -4.96 -24.73 -3.92
C PHE B 196 -5.40 -25.07 -5.34
N ALA B 197 -6.66 -25.44 -5.49
CA ALA B 197 -7.19 -25.79 -6.80
C ALA B 197 -6.98 -24.59 -7.71
N GLU B 198 -7.59 -23.48 -7.33
CA GLU B 198 -7.49 -22.25 -8.09
C GLU B 198 -6.03 -21.99 -8.44
N ALA B 199 -5.16 -22.15 -7.45
CA ALA B 199 -3.72 -21.93 -7.64
C ALA B 199 -3.16 -22.86 -8.71
N LYS B 200 -3.42 -24.15 -8.57
CA LYS B 200 -2.92 -25.15 -9.52
C LYS B 200 -3.43 -24.89 -10.93
N ASN B 201 -4.68 -24.48 -11.05
CA ASN B 201 -5.21 -24.19 -12.37
C ASN B 201 -4.42 -23.05 -12.98
N ASP B 202 -4.18 -22.01 -12.21
CA ASP B 202 -3.42 -20.88 -12.73
C ASP B 202 -2.03 -21.34 -13.15
N TRP B 203 -1.40 -22.13 -12.29
CA TRP B 203 -0.06 -22.62 -12.55
C TRP B 203 0.02 -23.43 -13.83
N ASP B 204 -0.82 -24.47 -13.89
CA ASP B 204 -0.87 -25.34 -15.05
C ASP B 204 -1.11 -24.58 -16.34
N GLU B 205 -2.10 -23.70 -16.31
CA GLU B 205 -2.43 -22.98 -17.51
C GLU B 205 -1.34 -22.03 -17.92
N ARG B 206 -0.71 -21.40 -16.95
CA ARG B 206 0.33 -20.45 -17.26
C ARG B 206 1.71 -21.01 -17.57
N LYS B 207 2.06 -22.15 -17.00
CA LYS B 207 3.41 -22.68 -17.26
C LYS B 207 3.68 -22.97 -18.72
N THR B 208 2.63 -23.10 -19.52
CA THR B 208 2.78 -23.39 -20.95
C THR B 208 3.17 -22.14 -21.73
N ARG B 209 3.28 -20.99 -21.06
CA ARG B 209 3.63 -19.77 -21.76
C ARG B 209 5.08 -19.38 -21.60
N ILE B 210 5.81 -20.10 -20.73
CA ILE B 210 7.21 -19.79 -20.52
C ILE B 210 7.91 -19.74 -21.86
N ASN B 211 8.73 -18.71 -22.07
CA ASN B 211 9.45 -18.57 -23.33
C ASN B 211 10.94 -18.56 -23.10
N LYS B 212 11.50 -19.76 -23.10
CA LYS B 212 12.93 -19.96 -22.89
C LYS B 212 13.80 -19.04 -23.74
N LYS B 213 13.29 -18.62 -24.89
CA LYS B 213 14.10 -17.75 -25.73
C LYS B 213 14.22 -16.33 -25.19
N ASN B 214 13.50 -16.04 -24.13
CA ASN B 214 13.58 -14.72 -23.51
C ASN B 214 13.25 -14.70 -22.03
N LEU B 215 14.03 -15.42 -21.24
CA LEU B 215 13.83 -15.46 -19.81
C LEU B 215 14.54 -14.27 -19.11
N PHE B 216 14.01 -13.87 -17.97
CA PHE B 216 14.59 -12.81 -17.14
C PHE B 216 14.41 -13.33 -15.71
N VAL B 217 15.51 -13.65 -15.06
CA VAL B 217 15.45 -14.19 -13.72
C VAL B 217 15.71 -13.15 -12.65
N LYS B 218 14.77 -12.99 -11.74
CA LYS B 218 14.96 -12.02 -10.69
C LYS B 218 14.82 -12.69 -9.36
N MSE B 219 15.62 -12.23 -8.39
CA MSE B 219 15.59 -12.77 -7.05
C MSE B 219 15.88 -11.65 -6.06
O MSE B 219 16.57 -10.67 -6.39
CB MSE B 219 16.63 -13.88 -6.93
CG MSE B 219 16.87 -14.37 -5.52
SE MSE B 219 17.95 -15.99 -5.46
CE MSE B 219 17.19 -16.78 -3.86
N LEU B 220 15.34 -11.78 -4.86
CA LEU B 220 15.56 -10.80 -3.82
C LEU B 220 16.14 -11.44 -2.58
N ILE B 221 17.40 -11.14 -2.29
CA ILE B 221 18.06 -11.67 -1.10
C ILE B 221 18.21 -10.49 -0.15
N LYS B 222 17.43 -10.49 0.92
CA LYS B 222 17.44 -9.40 1.88
C LYS B 222 18.56 -9.45 2.89
N ASP B 223 18.74 -10.62 3.50
CA ASP B 223 19.77 -10.77 4.52
C ASP B 223 21.17 -10.91 3.99
N ASP B 224 22.11 -11.01 4.93
CA ASP B 224 23.51 -11.16 4.61
C ASP B 224 23.72 -12.63 4.29
N ASN B 225 23.89 -12.95 3.01
CA ASN B 225 24.05 -14.34 2.59
C ASN B 225 24.85 -14.42 1.29
N GLU B 226 26.17 -14.25 1.40
CA GLU B 226 27.02 -14.26 0.23
C GLU B 226 27.10 -15.59 -0.50
N LYS B 227 26.95 -16.69 0.22
CA LYS B 227 27.02 -18.00 -0.43
C LYS B 227 25.93 -18.05 -1.50
N LEU B 228 24.73 -17.61 -1.10
CA LEU B 228 23.57 -17.58 -1.99
C LEU B 228 23.69 -16.60 -3.14
N VAL B 229 24.20 -15.41 -2.85
CA VAL B 229 24.36 -14.40 -3.87
C VAL B 229 25.30 -14.91 -4.95
N LYS B 230 26.40 -15.52 -4.50
CA LYS B 230 27.38 -16.07 -5.42
C LYS B 230 26.71 -17.11 -6.32
N ARG B 231 25.97 -18.01 -5.70
CA ARG B 231 25.29 -19.07 -6.46
C ARG B 231 24.40 -18.47 -7.52
N PHE B 232 23.73 -17.37 -7.18
CA PHE B 232 22.83 -16.73 -8.13
C PHE B 232 23.66 -16.13 -9.27
N ASP B 233 24.77 -15.50 -8.92
CA ASP B 233 25.62 -14.87 -9.93
C ASP B 233 26.19 -15.87 -10.91
N ASN B 234 26.22 -17.14 -10.52
CA ASN B 234 26.77 -18.17 -11.38
C ASN B 234 25.75 -18.82 -12.31
N LEU B 235 24.47 -18.56 -12.10
CA LEU B 235 23.45 -19.16 -12.96
C LEU B 235 23.73 -18.82 -14.43
N PRO B 236 23.42 -19.75 -15.35
CA PRO B 236 23.63 -19.62 -16.79
C PRO B 236 22.81 -18.50 -17.44
N TYR B 237 21.62 -18.27 -16.90
CA TYR B 237 20.73 -17.25 -17.44
C TYR B 237 21.47 -15.97 -17.79
N LYS B 238 21.51 -15.68 -19.08
CA LYS B 238 22.18 -14.50 -19.59
C LYS B 238 21.59 -13.18 -19.09
N ASN B 239 20.33 -13.20 -18.68
CA ASN B 239 19.63 -11.99 -18.24
C ASN B 239 19.05 -12.11 -16.83
N LYS B 240 19.82 -11.74 -15.80
CA LYS B 240 19.30 -11.87 -14.45
C LYS B 240 19.76 -10.80 -13.48
N VAL B 241 18.98 -10.62 -12.42
CA VAL B 241 19.34 -9.61 -11.43
C VAL B 241 18.90 -10.07 -10.05
N CYS B 242 19.69 -9.69 -9.05
CA CYS B 242 19.39 -10.06 -7.67
C CYS B 242 19.29 -8.77 -6.87
N PHE B 243 18.17 -8.54 -6.21
CA PHE B 243 18.00 -7.33 -5.42
C PHE B 243 18.64 -7.53 -4.05
N HIS B 244 19.54 -6.62 -3.68
CA HIS B 244 20.25 -6.74 -2.41
C HIS B 244 20.39 -5.40 -1.69
N PRO B 245 20.36 -5.40 -0.34
CA PRO B 245 20.48 -4.22 0.53
C PRO B 245 21.81 -3.47 0.48
N LYS B 246 22.83 -4.07 -0.13
CA LYS B 246 24.13 -3.42 -0.23
C LYS B 246 24.80 -3.81 -1.51
N PRO B 247 25.78 -3.01 -1.95
CA PRO B 247 26.49 -3.34 -3.19
C PRO B 247 27.38 -4.55 -2.97
N MSE B 248 27.66 -5.28 -4.03
CA MSE B 248 28.49 -6.48 -3.96
C MSE B 248 29.38 -6.52 -5.18
O MSE B 248 29.10 -5.84 -6.16
CB MSE B 248 27.61 -7.73 -3.99
CG MSE B 248 26.49 -7.75 -2.98
SE MSE B 248 27.01 -8.71 -1.41
CE MSE B 248 26.99 -10.51 -2.12
N LYS B 249 30.42 -7.33 -5.14
CA LYS B 249 31.30 -7.40 -6.29
C LYS B 249 30.68 -8.22 -7.42
N TYR B 250 29.53 -8.83 -7.15
CA TYR B 250 28.85 -9.66 -8.15
C TYR B 250 27.94 -8.85 -9.05
N LYS B 251 28.20 -8.89 -10.34
CA LYS B 251 27.40 -8.12 -11.29
C LYS B 251 25.90 -8.39 -11.31
N SER B 252 25.47 -9.57 -10.89
CA SER B 252 24.05 -9.86 -10.90
C SER B 252 23.29 -9.10 -9.82
N VAL B 253 24.02 -8.54 -8.86
CA VAL B 253 23.39 -7.78 -7.77
C VAL B 253 22.95 -6.38 -8.25
N ALA B 254 21.91 -5.87 -7.61
CA ALA B 254 21.38 -4.56 -7.91
C ALA B 254 21.12 -3.88 -6.57
N PHE B 255 21.93 -2.86 -6.29
CA PHE B 255 21.81 -2.11 -5.06
C PHE B 255 21.22 -0.75 -5.40
N PHE B 256 20.21 -0.33 -4.63
CA PHE B 256 19.55 0.94 -4.87
C PHE B 256 19.77 1.92 -3.72
N PRO B 257 20.67 2.89 -3.91
CA PRO B 257 20.96 3.88 -2.87
C PRO B 257 19.71 4.48 -2.25
N ARG B 258 18.85 5.07 -3.07
CA ARG B 258 17.62 5.69 -2.60
C ARG B 258 16.85 4.82 -1.59
N TYR B 259 17.01 3.50 -1.68
CA TYR B 259 16.33 2.60 -0.76
C TYR B 259 16.87 2.79 0.65
N ILE B 260 18.19 2.65 0.81
CA ILE B 260 18.82 2.83 2.10
C ILE B 260 18.46 4.21 2.63
N TRP B 261 18.41 5.18 1.72
CA TRP B 261 18.04 6.53 2.09
C TRP B 261 16.64 6.49 2.69
N ARG B 262 15.68 5.99 1.91
CA ARG B 262 14.30 5.91 2.35
C ARG B 262 14.23 5.26 3.73
N CYS B 263 15.03 4.21 3.93
CA CYS B 263 15.04 3.50 5.20
C CYS B 263 15.37 4.38 6.38
N ILE B 264 16.52 5.03 6.34
CA ILE B 264 16.93 5.87 7.44
C ILE B 264 16.44 7.32 7.38
N ASN B 265 15.76 7.70 6.32
CA ASN B 265 15.32 9.09 6.22
C ASN B 265 13.86 9.37 5.90
N TYR B 266 13.28 8.61 4.97
CA TYR B 266 11.89 8.87 4.59
C TYR B 266 10.95 8.93 5.79
N ALA B 267 10.20 10.03 5.90
CA ALA B 267 9.27 10.23 7.00
C ALA B 267 8.16 9.18 7.04
N ALA B 268 7.27 9.23 6.07
CA ALA B 268 6.14 8.31 6.01
C ALA B 268 6.50 6.85 5.70
N ARG B 269 7.77 6.48 5.83
CA ARG B 269 8.14 5.09 5.55
C ARG B 269 7.33 4.15 6.42
N THR B 270 6.98 3.00 5.86
CA THR B 270 6.20 1.98 6.57
C THR B 270 7.14 1.15 7.43
N SER B 271 8.20 0.67 6.80
CA SER B 271 9.21 -0.15 7.46
C SER B 271 10.59 0.48 7.31
N ASN B 272 11.54 -0.04 8.08
CA ASN B 272 12.92 0.44 8.04
C ASN B 272 13.77 -0.62 7.36
N SER B 273 13.09 -1.59 6.74
CA SER B 273 13.78 -2.68 6.06
C SER B 273 12.87 -3.52 5.18
N ASN B 274 12.20 -2.90 4.22
CA ASN B 274 11.33 -3.65 3.33
C ASN B 274 11.73 -3.52 1.86
N LEU B 275 12.87 -4.10 1.53
CA LEU B 275 13.38 -4.06 0.16
C LEU B 275 12.37 -4.66 -0.81
N GLU B 276 11.56 -5.59 -0.34
CA GLU B 276 10.57 -6.23 -1.18
C GLU B 276 9.51 -5.20 -1.58
N GLN B 277 8.96 -4.49 -0.60
CA GLN B 277 7.95 -3.47 -0.88
C GLN B 277 8.53 -2.41 -1.82
N TYR B 278 9.78 -2.03 -1.57
CA TYR B 278 10.43 -1.03 -2.39
C TYR B 278 10.58 -1.49 -3.83
N THR B 279 11.21 -2.63 -4.02
CA THR B 279 11.43 -3.16 -5.36
C THR B 279 10.16 -3.41 -6.14
N MSE B 280 9.07 -3.72 -5.44
CA MSE B 280 7.80 -3.99 -6.10
C MSE B 280 6.92 -2.77 -6.26
O MSE B 280 5.80 -2.88 -6.76
CB MSE B 280 7.02 -5.02 -5.32
CG MSE B 280 7.54 -6.43 -5.45
SE MSE B 280 6.46 -7.56 -4.34
CE MSE B 280 7.72 -7.82 -2.89
N ASP B 281 7.42 -1.61 -5.83
CA ASP B 281 6.66 -0.37 -5.95
C ASP B 281 7.22 0.37 -7.14
N MSE B 282 6.56 0.20 -8.29
CA MSE B 282 7.00 0.84 -9.53
C MSE B 282 7.38 2.30 -9.38
O MSE B 282 8.16 2.82 -10.15
CB MSE B 282 5.91 0.74 -10.61
CG MSE B 282 5.48 -0.68 -10.93
SE MSE B 282 6.96 -1.83 -11.33
CE MSE B 282 7.00 -2.87 -9.70
N SER B 283 6.82 2.97 -8.38
CA SER B 283 7.12 4.37 -8.19
C SER B 283 8.53 4.58 -7.68
N TRP B 284 9.00 3.64 -6.87
CA TRP B 284 10.35 3.72 -6.33
C TRP B 284 11.31 3.01 -7.26
N LEU B 285 10.86 1.90 -7.82
CA LEU B 285 11.67 1.11 -8.72
C LEU B 285 12.08 1.95 -9.93
N GLU B 286 11.12 2.68 -10.49
CA GLU B 286 11.40 3.47 -11.68
C GLU B 286 12.40 4.58 -11.44
N LYS B 287 12.57 4.98 -10.18
CA LYS B 287 13.52 6.04 -9.87
C LYS B 287 14.90 5.41 -9.78
N SER B 288 15.02 4.37 -8.96
CA SER B 288 16.29 3.68 -8.77
C SER B 288 16.87 2.99 -10.00
N CYS B 289 16.03 2.73 -11.02
CA CYS B 289 16.54 2.08 -12.23
C CYS B 289 15.66 2.23 -13.47
N ASP B 290 16.20 1.78 -14.60
CA ASP B 290 15.51 1.84 -15.89
C ASP B 290 14.95 0.45 -16.20
N ILE B 291 13.69 0.23 -15.84
CA ILE B 291 13.03 -1.07 -16.02
C ILE B 291 13.13 -1.65 -17.43
N LEU B 292 12.97 -0.82 -18.45
CA LEU B 292 13.06 -1.30 -19.81
C LEU B 292 14.48 -1.76 -20.14
N LYS B 293 15.47 -0.91 -19.89
CA LYS B 293 16.85 -1.30 -20.18
C LYS B 293 17.21 -2.54 -19.40
N MSE B 294 16.74 -2.64 -18.16
CA MSE B 294 17.04 -3.82 -17.36
C MSE B 294 16.46 -5.08 -18.00
O MSE B 294 17.17 -6.05 -18.22
CB MSE B 294 16.49 -3.65 -15.95
CG MSE B 294 16.64 -4.86 -15.07
SE MSE B 294 16.05 -4.44 -13.28
CE MSE B 294 14.14 -4.28 -13.62
N LEU B 295 15.16 -5.04 -18.26
CA LEU B 295 14.46 -6.16 -18.87
C LEU B 295 15.08 -6.55 -20.21
N CYS B 296 15.54 -5.55 -20.97
CA CYS B 296 16.16 -5.84 -22.25
C CYS B 296 17.57 -6.37 -22.01
N GLY B 297 17.89 -6.58 -20.74
CA GLY B 297 19.19 -7.10 -20.39
C GLY B 297 20.37 -6.27 -20.86
N GLU B 298 20.25 -4.95 -20.77
CA GLU B 298 21.33 -4.08 -21.16
C GLU B 298 22.04 -3.61 -19.90
N GLU B 299 23.37 -3.73 -19.87
CA GLU B 299 24.12 -3.28 -18.71
C GLU B 299 23.94 -1.77 -18.65
N ASP B 300 23.84 -1.21 -17.45
CA ASP B 300 23.66 0.24 -17.20
C ASP B 300 22.23 0.64 -16.83
N PHE B 301 21.41 -0.33 -16.48
CA PHE B 301 20.04 -0.04 -16.14
C PHE B 301 19.82 0.59 -14.77
N ILE B 302 20.90 0.82 -14.01
CA ILE B 302 20.74 1.44 -12.70
C ILE B 302 21.02 2.94 -12.79
N ARG B 303 19.98 3.71 -12.49
CA ARG B 303 20.04 5.16 -12.57
C ARG B 303 20.91 5.79 -11.49
N GLU B 304 20.65 5.42 -10.24
CA GLU B 304 21.37 5.99 -9.11
C GLU B 304 22.45 5.08 -8.53
N LYS B 305 23.68 5.60 -8.56
CA LYS B 305 24.84 4.88 -8.04
C LYS B 305 25.52 5.67 -6.94
N UNK B 306 26.19 4.99 -6.02
CA UNK B 306 26.90 5.65 -4.94
C UNK B 306 28.40 5.73 -5.27
#